data_1GHC
#
_entry.id   1GHC
#
_cell.length_a   1.000
_cell.length_b   1.000
_cell.length_c   1.000
_cell.angle_alpha   90.00
_cell.angle_beta   90.00
_cell.angle_gamma   90.00
#
_symmetry.space_group_name_H-M   'P 1'
#
_entity_poly.entity_id   1
_entity_poly.type   'polypeptide(L)'
_entity_poly.pdbx_seq_one_letter_code
;MAGPSVTELITKAVSASKERKGLSLAALKKALAAGGYDVEKNNSRIKLGLKSLVSKGTLVQTKGTGASGSFRLSK
;
_entity_poly.pdbx_strand_id   A
#
# COMPACT_ATOMS: atom_id res chain seq x y z
N MET A 1 -12.41 4.03 4.77
CA MET A 1 -12.62 2.87 3.85
C MET A 1 -12.91 3.39 2.44
N ALA A 2 -12.33 2.77 1.45
CA ALA A 2 -12.57 3.23 0.04
C ALA A 2 -13.04 2.05 -0.79
N GLY A 3 -12.24 1.03 -0.92
CA GLY A 3 -12.64 -0.15 -1.72
C GLY A 3 -13.27 -1.20 -0.80
N PRO A 4 -13.65 -2.30 -1.39
CA PRO A 4 -14.28 -3.36 -0.58
C PRO A 4 -13.30 -4.53 -0.37
N SER A 5 -12.06 -4.37 -0.77
CA SER A 5 -11.09 -5.49 -0.59
C SER A 5 -9.68 -4.94 -0.34
N VAL A 6 -8.87 -4.87 -1.36
CA VAL A 6 -7.47 -4.36 -1.22
C VAL A 6 -7.37 -3.30 -0.12
N THR A 7 -8.15 -2.27 -0.16
CA THR A 7 -8.03 -1.27 0.93
C THR A 7 -8.11 -2.03 2.26
N GLU A 8 -9.16 -2.78 2.47
CA GLU A 8 -9.27 -3.57 3.73
C GLU A 8 -7.98 -4.37 3.96
N LEU A 9 -7.35 -4.79 2.90
CA LEU A 9 -6.09 -5.59 3.03
C LEU A 9 -4.90 -4.63 3.18
N ILE A 10 -4.56 -3.94 2.13
CA ILE A 10 -3.44 -2.98 2.17
C ILE A 10 -3.71 -1.99 3.29
N THR A 11 -4.75 -1.23 3.15
CA THR A 11 -5.10 -0.23 4.17
C THR A 11 -5.09 -0.89 5.56
N LYS A 12 -5.23 -2.19 5.62
CA LYS A 12 -5.18 -2.88 6.94
C LYS A 12 -3.72 -2.87 7.40
N ALA A 13 -2.82 -3.26 6.54
CA ALA A 13 -1.37 -3.25 6.91
C ALA A 13 -0.93 -1.80 7.04
N VAL A 14 -1.74 -0.89 6.58
CA VAL A 14 -1.41 0.56 6.67
C VAL A 14 -0.71 0.86 8.00
N SER A 15 -1.12 0.21 9.05
CA SER A 15 -0.49 0.45 10.38
C SER A 15 0.26 -0.81 10.82
N ALA A 16 0.00 -1.92 10.19
CA ALA A 16 0.70 -3.18 10.58
C ALA A 16 1.94 -3.37 9.69
N SER A 17 2.42 -2.31 9.09
CA SER A 17 3.62 -2.44 8.22
C SER A 17 4.67 -3.33 8.90
N LYS A 18 5.67 -3.76 8.19
CA LYS A 18 6.71 -4.63 8.80
C LYS A 18 8.08 -3.96 8.65
N GLU A 19 8.12 -2.66 8.56
CA GLU A 19 9.43 -1.97 8.41
C GLU A 19 9.33 -0.56 9.01
N ARG A 20 10.20 0.33 8.59
CA ARG A 20 10.15 1.72 9.14
C ARG A 20 9.88 2.69 8.00
N LYS A 21 8.67 3.20 7.92
CA LYS A 21 8.28 4.17 6.84
C LYS A 21 9.12 3.94 5.58
N GLY A 22 8.98 2.79 4.96
CA GLY A 22 9.77 2.51 3.72
C GLY A 22 9.26 1.22 3.08
N LEU A 23 8.04 1.22 2.61
CA LEU A 23 7.47 -0.01 1.99
C LEU A 23 8.06 -0.21 0.58
N SER A 24 8.03 0.80 -0.23
CA SER A 24 8.56 0.66 -1.61
C SER A 24 7.59 -0.18 -2.43
N LEU A 25 6.32 -0.16 -2.07
CA LEU A 25 5.32 -0.97 -2.83
C LEU A 25 5.75 -2.43 -2.76
N ALA A 26 6.64 -2.76 -1.85
CA ALA A 26 7.11 -4.16 -1.71
C ALA A 26 6.83 -4.64 -0.29
N ALA A 27 6.24 -3.78 0.52
CA ALA A 27 5.92 -4.17 1.92
C ALA A 27 4.41 -4.12 2.08
N LEU A 28 3.82 -2.94 2.04
CA LEU A 28 2.35 -2.85 2.17
C LEU A 28 1.72 -3.68 1.06
N LYS A 29 1.99 -3.33 -0.17
CA LYS A 29 1.39 -4.08 -1.32
C LYS A 29 1.91 -5.52 -1.33
N LYS A 30 2.82 -5.87 -0.47
CA LYS A 30 3.34 -7.27 -0.46
C LYS A 30 2.67 -8.06 0.68
N ALA A 31 1.79 -7.43 1.39
CA ALA A 31 1.07 -8.12 2.50
C ALA A 31 -0.28 -8.61 1.96
N LEU A 32 -0.52 -8.37 0.71
CA LEU A 32 -1.81 -8.80 0.09
C LEU A 32 -1.53 -10.01 -0.80
N ALA A 33 -0.29 -10.19 -1.15
CA ALA A 33 0.10 -11.35 -2.00
C ALA A 33 0.52 -12.51 -1.11
N ALA A 34 -0.14 -12.71 -0.01
CA ALA A 34 0.26 -13.83 0.91
C ALA A 34 -0.58 -15.08 0.65
N GLY A 35 -1.88 -14.98 0.67
CA GLY A 35 -2.71 -16.20 0.45
C GLY A 35 -3.88 -15.91 -0.49
N GLY A 36 -3.69 -16.10 -1.76
CA GLY A 36 -4.80 -15.85 -2.73
C GLY A 36 -4.65 -14.43 -3.26
N TYR A 37 -3.54 -14.16 -3.89
CA TYR A 37 -3.26 -12.79 -4.42
C TYR A 37 -1.75 -12.68 -4.60
N ASP A 38 -1.26 -11.97 -5.58
CA ASP A 38 0.20 -11.89 -5.71
C ASP A 38 0.63 -10.49 -6.16
N VAL A 39 -0.26 -9.53 -6.14
CA VAL A 39 0.14 -8.18 -6.60
C VAL A 39 0.78 -8.37 -7.97
N GLU A 40 0.44 -9.46 -8.60
CA GLU A 40 1.00 -9.79 -9.91
C GLU A 40 -0.12 -10.38 -10.75
N LYS A 41 -0.61 -11.51 -10.36
CA LYS A 41 -1.74 -12.11 -11.11
C LYS A 41 -2.93 -11.17 -10.90
N ASN A 42 -2.85 -10.28 -9.94
CA ASN A 42 -3.96 -9.34 -9.70
C ASN A 42 -3.37 -7.96 -9.43
N ASN A 43 -2.10 -7.78 -9.75
CA ASN A 43 -1.42 -6.47 -9.51
C ASN A 43 -2.36 -5.28 -9.76
N SER A 44 -3.37 -5.46 -10.56
CA SER A 44 -4.29 -4.32 -10.83
C SER A 44 -5.11 -3.97 -9.58
N ARG A 45 -4.84 -4.58 -8.45
CA ARG A 45 -5.62 -4.21 -7.23
C ARG A 45 -4.64 -3.72 -6.17
N ILE A 46 -3.40 -4.13 -6.26
CA ILE A 46 -2.41 -3.68 -5.26
C ILE A 46 -1.90 -2.31 -5.68
N LYS A 47 -1.62 -2.14 -6.95
CA LYS A 47 -1.14 -0.81 -7.43
C LYS A 47 -2.37 0.08 -7.68
N LEU A 48 -3.50 -0.35 -7.19
CA LEU A 48 -4.75 0.42 -7.34
C LEU A 48 -5.25 0.73 -5.92
N GLY A 49 -5.12 -0.20 -5.03
CA GLY A 49 -5.52 0.03 -3.62
C GLY A 49 -4.35 0.70 -2.91
N LEU A 50 -3.17 0.54 -3.45
CA LEU A 50 -1.98 1.19 -2.84
C LEU A 50 -1.75 2.49 -3.59
N LYS A 51 -1.69 2.42 -4.89
CA LYS A 51 -1.55 3.68 -5.66
C LYS A 51 -2.65 4.59 -5.15
N SER A 52 -3.71 3.98 -4.70
CA SER A 52 -4.84 4.75 -4.12
C SER A 52 -4.63 4.88 -2.62
N LEU A 53 -3.99 3.93 -1.96
CA LEU A 53 -3.79 4.13 -0.51
C LEU A 53 -2.73 5.22 -0.34
N VAL A 54 -1.51 4.91 -0.65
CA VAL A 54 -0.44 5.92 -0.54
C VAL A 54 -0.86 7.26 -1.19
N SER A 55 -1.33 7.22 -2.40
CA SER A 55 -1.73 8.49 -3.09
C SER A 55 -2.97 9.13 -2.46
N LYS A 56 -4.08 8.44 -2.42
CA LYS A 56 -5.33 9.04 -1.85
C LYS A 56 -4.98 9.94 -0.67
N GLY A 57 -4.07 9.52 0.16
CA GLY A 57 -3.69 10.36 1.32
C GLY A 57 -3.57 9.51 2.58
N THR A 58 -4.04 8.30 2.55
CA THR A 58 -3.90 7.45 3.75
C THR A 58 -2.42 7.28 3.99
N LEU A 59 -1.80 6.49 3.17
CA LEU A 59 -0.34 6.25 3.27
C LEU A 59 0.41 7.39 2.54
N VAL A 60 0.29 8.59 3.01
CA VAL A 60 0.97 9.73 2.31
C VAL A 60 2.49 9.57 2.29
N GLN A 61 2.98 8.87 1.30
CA GLN A 61 4.44 8.66 1.15
C GLN A 61 5.19 10.00 1.28
N THR A 62 5.60 10.57 0.19
CA THR A 62 6.35 11.87 0.21
C THR A 62 7.24 11.93 -1.04
N LYS A 63 6.70 11.54 -2.18
CA LYS A 63 7.48 11.55 -3.47
C LYS A 63 8.64 12.54 -3.41
N GLY A 64 9.78 12.09 -2.97
CA GLY A 64 10.96 13.00 -2.89
C GLY A 64 12.17 12.31 -3.52
N THR A 65 11.93 11.33 -4.36
CA THR A 65 13.05 10.60 -5.00
C THR A 65 13.68 9.64 -3.98
N GLY A 66 14.20 8.54 -4.43
CA GLY A 66 14.83 7.57 -3.48
C GLY A 66 15.70 8.33 -2.49
N ALA A 67 15.17 8.64 -1.33
CA ALA A 67 15.97 9.38 -0.32
C ALA A 67 15.04 9.98 0.74
N SER A 68 13.91 10.48 0.32
CA SER A 68 12.96 11.08 1.31
C SER A 68 11.52 10.90 0.81
N GLY A 69 11.09 9.69 0.62
CA GLY A 69 9.70 9.45 0.14
C GLY A 69 9.26 8.04 0.52
N SER A 70 8.51 7.88 1.58
CA SER A 70 8.06 6.51 1.99
C SER A 70 6.53 6.49 2.22
N PHE A 71 6.10 6.60 3.45
CA PHE A 71 4.64 6.61 3.85
C PHE A 71 4.61 6.63 5.38
N ARG A 72 4.10 7.67 5.96
CA ARG A 72 4.02 7.71 7.45
C ARG A 72 2.55 7.54 7.78
N LEU A 73 1.85 6.97 6.84
CA LEU A 73 0.40 6.77 6.97
C LEU A 73 -0.29 8.11 6.80
N SER A 74 -1.21 8.47 7.65
CA SER A 74 -1.90 9.76 7.44
C SER A 74 -0.96 10.91 7.80
N LYS A 75 -1.49 12.10 7.85
CA LYS A 75 -0.64 13.28 8.18
C LYS A 75 -0.55 13.44 9.70
N MET A 1 -8.38 10.85 3.93
CA MET A 1 -8.05 11.12 5.36
C MET A 1 -7.05 12.28 5.45
N ALA A 2 -5.78 11.99 5.33
CA ALA A 2 -4.78 13.08 5.41
C ALA A 2 -4.43 13.55 3.99
N GLY A 3 -3.69 12.78 3.26
CA GLY A 3 -3.32 13.20 1.88
C GLY A 3 -1.87 12.78 1.62
N PRO A 4 -1.08 13.72 1.17
CA PRO A 4 0.34 13.38 0.94
C PRO A 4 0.92 12.80 2.22
N SER A 5 0.84 11.51 2.39
CA SER A 5 1.37 10.89 3.64
C SER A 5 0.82 9.47 3.77
N VAL A 6 1.42 8.56 3.07
CA VAL A 6 1.01 7.13 3.10
C VAL A 6 -0.49 7.00 3.39
N THR A 7 -1.26 6.85 2.36
CA THR A 7 -2.75 6.72 2.45
C THR A 7 -3.28 7.34 1.17
N GLU A 8 -2.92 8.57 0.97
CA GLU A 8 -3.28 9.26 -0.30
C GLU A 8 -2.03 9.17 -1.18
N LEU A 9 -0.96 8.67 -0.60
CA LEU A 9 0.33 8.51 -1.33
C LEU A 9 0.40 7.10 -1.93
N ILE A 10 0.04 6.09 -1.17
CA ILE A 10 0.08 4.71 -1.71
C ILE A 10 -0.86 4.64 -2.90
N THR A 11 -2.07 5.06 -2.70
CA THR A 11 -3.08 5.04 -3.79
C THR A 11 -2.41 5.57 -5.07
N LYS A 12 -1.42 6.40 -4.94
CA LYS A 12 -0.71 6.89 -6.16
C LYS A 12 -0.15 5.65 -6.86
N ALA A 13 0.64 4.90 -6.15
CA ALA A 13 1.20 3.64 -6.74
C ALA A 13 0.07 2.61 -6.82
N VAL A 14 -1.08 2.94 -6.29
CA VAL A 14 -2.22 1.98 -6.32
C VAL A 14 -3.29 2.51 -7.29
N SER A 15 -2.99 3.57 -8.00
CA SER A 15 -3.98 4.12 -8.97
C SER A 15 -3.72 3.52 -10.35
N ALA A 16 -2.48 3.23 -10.65
CA ALA A 16 -2.16 2.64 -11.98
C ALA A 16 -2.65 1.20 -12.04
N SER A 17 -2.23 0.38 -11.11
CA SER A 17 -2.68 -1.04 -11.11
C SER A 17 -2.38 -1.68 -12.46
N LYS A 18 -1.38 -2.50 -12.53
CA LYS A 18 -1.05 -3.16 -13.84
C LYS A 18 -0.91 -4.67 -13.63
N GLU A 19 -1.82 -5.27 -12.89
CA GLU A 19 -1.74 -6.72 -12.67
C GLU A 19 -3.05 -7.22 -12.06
N ARG A 20 -3.25 -8.50 -12.02
CA ARG A 20 -4.52 -9.04 -11.44
C ARG A 20 -4.28 -9.48 -10.00
N LYS A 21 -3.15 -9.14 -9.45
CA LYS A 21 -2.85 -9.54 -8.04
C LYS A 21 -2.86 -8.30 -7.15
N GLY A 22 -1.89 -7.44 -7.31
CA GLY A 22 -1.84 -6.21 -6.47
C GLY A 22 -0.54 -6.20 -5.67
N LEU A 23 0.58 -6.36 -6.33
CA LEU A 23 1.87 -6.36 -5.59
C LEU A 23 1.73 -7.20 -4.32
N SER A 24 2.31 -6.78 -3.23
CA SER A 24 2.18 -7.57 -1.97
C SER A 24 2.70 -6.75 -0.79
N LEU A 25 2.14 -5.59 -0.55
CA LEU A 25 2.60 -4.75 0.59
C LEU A 25 4.07 -4.39 0.38
N ALA A 26 4.57 -4.60 -0.81
CA ALA A 26 5.99 -4.26 -1.08
C ALA A 26 6.06 -3.40 -2.34
N ALA A 27 6.03 -4.03 -3.49
CA ALA A 27 6.11 -3.27 -4.78
C ALA A 27 5.34 -1.95 -4.67
N LEU A 28 4.33 -1.89 -3.84
CA LEU A 28 3.56 -0.63 -3.71
C LEU A 28 4.13 0.21 -2.58
N LYS A 29 4.40 -0.36 -1.44
CA LYS A 29 4.95 0.48 -0.34
C LYS A 29 6.47 0.46 -0.45
N LYS A 30 6.88 0.88 -1.60
CA LYS A 30 8.32 0.94 -1.98
C LYS A 30 8.49 2.01 -3.07
N ALA A 31 7.49 2.19 -3.91
CA ALA A 31 7.56 3.21 -4.98
C ALA A 31 7.56 4.56 -4.29
N LEU A 32 6.96 4.60 -3.14
CA LEU A 32 6.89 5.82 -2.33
C LEU A 32 8.27 6.10 -1.75
N ALA A 33 9.06 5.07 -1.70
CA ALA A 33 10.43 5.19 -1.19
C ALA A 33 11.39 5.42 -2.36
N ALA A 34 11.00 6.21 -3.31
CA ALA A 34 11.88 6.43 -4.49
C ALA A 34 12.80 7.64 -4.30
N GLY A 35 12.28 8.77 -3.94
CA GLY A 35 13.16 9.97 -3.78
C GLY A 35 13.70 10.05 -2.36
N GLY A 36 12.85 10.25 -1.41
CA GLY A 36 13.30 10.36 0.02
C GLY A 36 12.78 9.17 0.82
N TYR A 37 11.47 9.10 1.00
CA TYR A 37 10.87 7.97 1.77
C TYR A 37 11.63 6.69 1.43
N ASP A 38 11.72 5.73 2.32
CA ASP A 38 12.48 4.52 1.95
C ASP A 38 11.72 3.29 2.42
N VAL A 39 10.52 3.45 2.96
CA VAL A 39 9.80 2.26 3.47
C VAL A 39 10.81 1.45 4.26
N GLU A 40 11.80 2.16 4.76
CA GLU A 40 12.88 1.55 5.54
C GLU A 40 13.15 2.47 6.73
N LYS A 41 13.84 3.55 6.50
CA LYS A 41 14.05 4.51 7.59
C LYS A 41 12.70 5.19 7.81
N ASN A 42 11.80 5.02 6.87
CA ASN A 42 10.43 5.59 6.99
C ASN A 42 9.45 4.42 6.88
N ASN A 43 9.92 3.22 7.07
CA ASN A 43 9.02 2.04 6.98
C ASN A 43 8.06 2.07 8.15
N SER A 44 8.39 2.83 9.16
CA SER A 44 7.48 2.90 10.32
C SER A 44 6.21 3.63 9.90
N ARG A 45 6.24 4.29 8.76
CA ARG A 45 5.00 4.97 8.33
C ARG A 45 4.48 4.28 7.08
N ILE A 46 5.25 3.40 6.51
CA ILE A 46 4.80 2.66 5.30
C ILE A 46 4.01 1.44 5.75
N LYS A 47 4.52 0.68 6.69
CA LYS A 47 3.77 -0.52 7.16
C LYS A 47 2.57 -0.08 8.01
N LEU A 48 2.42 1.21 8.19
CA LEU A 48 1.26 1.73 8.96
C LEU A 48 0.30 2.32 7.94
N GLY A 49 0.84 3.06 7.00
CA GLY A 49 -0.01 3.62 5.94
C GLY A 49 -0.31 2.48 4.94
N LEU A 50 0.34 1.36 5.13
CA LEU A 50 0.09 0.20 4.24
C LEU A 50 -0.95 -0.68 4.90
N LYS A 51 -0.58 -1.33 5.96
CA LYS A 51 -1.57 -2.19 6.67
C LYS A 51 -2.83 -1.36 6.85
N SER A 52 -2.69 -0.06 6.88
CA SER A 52 -3.88 0.82 7.05
C SER A 52 -4.45 1.20 5.69
N LEU A 53 -3.65 1.48 4.70
CA LEU A 53 -4.30 1.84 3.41
C LEU A 53 -4.97 0.59 2.84
N VAL A 54 -4.20 -0.44 2.60
CA VAL A 54 -4.76 -1.69 2.04
C VAL A 54 -5.80 -2.31 3.01
N SER A 55 -5.69 -2.08 4.29
CA SER A 55 -6.68 -2.70 5.23
C SER A 55 -7.66 -1.66 5.79
N LYS A 56 -7.56 -0.42 5.39
CA LYS A 56 -8.54 0.59 5.90
C LYS A 56 -9.75 0.56 4.99
N GLY A 57 -9.51 0.55 3.72
CA GLY A 57 -10.64 0.53 2.75
C GLY A 57 -10.21 1.13 1.41
N THR A 58 -9.20 1.96 1.39
CA THR A 58 -8.76 2.54 0.10
C THR A 58 -8.50 1.38 -0.84
N LEU A 59 -7.48 0.62 -0.54
CA LEU A 59 -7.13 -0.56 -1.35
C LEU A 59 -7.60 -1.82 -0.61
N VAL A 60 -8.71 -2.39 -1.00
CA VAL A 60 -9.21 -3.60 -0.27
C VAL A 60 -8.55 -4.88 -0.76
N GLN A 61 -7.86 -5.55 0.13
CA GLN A 61 -7.20 -6.84 -0.21
C GLN A 61 -7.99 -7.98 0.47
N THR A 62 -7.34 -9.07 0.77
CA THR A 62 -8.07 -10.19 1.43
C THR A 62 -7.09 -11.31 1.76
N LYS A 63 -6.05 -11.01 2.48
CA LYS A 63 -5.05 -12.07 2.83
C LYS A 63 -5.58 -12.91 3.99
N GLY A 64 -6.50 -13.80 3.73
CA GLY A 64 -7.05 -14.65 4.83
C GLY A 64 -6.69 -16.10 4.57
N THR A 65 -7.63 -16.99 4.68
CA THR A 65 -7.33 -18.43 4.43
C THR A 65 -8.02 -18.89 3.14
N GLY A 66 -8.99 -18.15 2.69
CA GLY A 66 -9.72 -18.55 1.44
C GLY A 66 -8.70 -19.07 0.43
N ALA A 67 -7.62 -18.37 0.26
CA ALA A 67 -6.57 -18.83 -0.71
C ALA A 67 -5.67 -17.65 -1.06
N SER A 68 -5.16 -16.96 -0.07
CA SER A 68 -4.28 -15.80 -0.35
C SER A 68 -5.12 -14.63 -0.87
N GLY A 69 -4.77 -13.42 -0.50
CA GLY A 69 -5.56 -12.25 -0.96
C GLY A 69 -4.72 -11.43 -1.96
N SER A 70 -5.13 -10.22 -2.23
CA SER A 70 -4.37 -9.36 -3.18
C SER A 70 -5.04 -7.98 -3.26
N PHE A 71 -4.59 -7.06 -2.45
CA PHE A 71 -5.21 -5.69 -2.46
C PHE A 71 -5.55 -5.26 -3.88
N ARG A 72 -6.80 -5.33 -4.24
CA ARG A 72 -7.19 -4.88 -5.60
C ARG A 72 -7.59 -3.42 -5.50
N LEU A 73 -8.64 -3.15 -4.76
CA LEU A 73 -9.09 -1.74 -4.54
C LEU A 73 -10.52 -1.78 -4.00
N SER A 74 -10.89 -0.82 -3.19
CA SER A 74 -12.24 -0.81 -2.62
C SER A 74 -13.27 -1.19 -3.69
N LYS A 75 -13.61 -0.26 -4.55
CA LYS A 75 -14.60 -0.57 -5.62
C LYS A 75 -15.80 -1.29 -5.01
N MET A 1 -13.12 -2.38 -3.31
CA MET A 1 -14.39 -1.67 -3.61
C MET A 1 -14.77 -0.79 -2.41
N ALA A 2 -13.87 0.02 -1.94
CA ALA A 2 -14.18 0.90 -0.78
C ALA A 2 -14.73 0.03 0.36
N GLY A 3 -14.15 -1.11 0.59
CA GLY A 3 -14.64 -1.99 1.69
C GLY A 3 -13.46 -2.65 2.39
N PRO A 4 -13.72 -3.80 2.95
CA PRO A 4 -12.63 -4.52 3.65
C PRO A 4 -11.57 -4.98 2.65
N SER A 5 -11.88 -4.92 1.39
CA SER A 5 -10.91 -5.35 0.35
C SER A 5 -9.91 -4.22 0.06
N VAL A 6 -8.93 -4.48 -0.77
CA VAL A 6 -7.88 -3.47 -1.15
C VAL A 6 -8.28 -2.06 -0.68
N THR A 7 -7.71 -1.68 0.43
CA THR A 7 -7.98 -0.36 1.10
C THR A 7 -8.00 -0.69 2.59
N GLU A 8 -8.67 -1.77 2.89
CA GLU A 8 -8.73 -2.27 4.28
C GLU A 8 -7.69 -3.39 4.39
N LEU A 9 -7.29 -3.91 3.26
CA LEU A 9 -6.26 -5.00 3.23
C LEU A 9 -4.88 -4.36 3.38
N ILE A 10 -4.61 -3.34 2.62
CA ILE A 10 -3.28 -2.66 2.71
C ILE A 10 -3.22 -1.96 4.05
N THR A 11 -4.13 -1.07 4.29
CA THR A 11 -4.14 -0.34 5.59
C THR A 11 -4.07 -1.37 6.72
N LYS A 12 -4.45 -2.59 6.46
CA LYS A 12 -4.35 -3.63 7.52
C LYS A 12 -2.88 -3.98 7.69
N ALA A 13 -2.20 -4.18 6.59
CA ALA A 13 -0.74 -4.50 6.66
C ALA A 13 0.02 -3.19 6.89
N VAL A 14 -0.67 -2.09 6.94
CA VAL A 14 0.01 -0.78 7.17
C VAL A 14 0.80 -0.84 8.48
N SER A 15 0.19 -1.30 9.54
CA SER A 15 0.91 -1.37 10.84
C SER A 15 1.80 -2.61 10.85
N ALA A 16 1.23 -3.76 10.63
CA ALA A 16 2.05 -5.02 10.63
C ALA A 16 3.35 -4.77 9.86
N SER A 17 3.34 -3.84 8.93
CA SER A 17 4.57 -3.55 8.16
C SER A 17 4.73 -2.04 8.00
N LYS A 18 5.84 -1.50 8.42
CA LYS A 18 6.05 -0.03 8.28
C LYS A 18 7.55 0.27 8.36
N GLU A 19 8.21 0.37 7.24
CA GLU A 19 9.67 0.65 7.26
C GLU A 19 9.92 2.11 6.91
N ARG A 20 8.87 2.88 6.79
CA ARG A 20 9.02 4.32 6.45
C ARG A 20 10.14 4.50 5.43
N LYS A 21 10.25 3.60 4.48
CA LYS A 21 11.35 3.72 3.48
C LYS A 21 10.85 3.33 2.08
N GLY A 22 9.59 3.03 1.92
CA GLY A 22 9.09 2.65 0.57
C GLY A 22 8.81 1.14 0.54
N LEU A 23 9.45 0.40 1.40
CA LEU A 23 9.21 -1.07 1.43
C LEU A 23 7.71 -1.33 1.33
N SER A 24 6.91 -0.39 1.77
CA SER A 24 5.43 -0.57 1.70
C SER A 24 5.01 -0.92 0.27
N LEU A 25 5.25 -0.04 -0.67
CA LEU A 25 4.85 -0.33 -2.08
C LEU A 25 5.10 -1.79 -2.43
N ALA A 26 6.05 -2.42 -1.78
CA ALA A 26 6.32 -3.84 -2.11
C ALA A 26 5.70 -4.76 -1.06
N ALA A 27 6.28 -4.85 0.10
CA ALA A 27 5.73 -5.75 1.15
C ALA A 27 4.27 -5.42 1.48
N LEU A 28 3.96 -4.17 1.70
CA LEU A 28 2.56 -3.80 2.07
C LEU A 28 1.56 -4.37 1.06
N LYS A 29 1.89 -4.40 -0.21
CA LYS A 29 0.91 -4.95 -1.19
C LYS A 29 1.29 -6.39 -1.51
N LYS A 30 2.45 -6.82 -1.10
CA LYS A 30 2.83 -8.23 -1.31
C LYS A 30 2.20 -9.04 -0.18
N ALA A 31 1.59 -8.34 0.74
CA ALA A 31 0.90 -9.01 1.87
C ALA A 31 -0.57 -9.15 1.48
N LEU A 32 -0.98 -8.40 0.50
CA LEU A 32 -2.40 -8.47 0.04
C LEU A 32 -2.63 -9.81 -0.63
N ALA A 33 -1.59 -10.49 -1.01
CA ALA A 33 -1.75 -11.82 -1.63
C ALA A 33 -1.96 -12.85 -0.52
N ALA A 34 -2.57 -12.46 0.56
CA ALA A 34 -2.77 -13.40 1.70
C ALA A 34 -4.05 -14.23 1.50
N GLY A 35 -5.04 -13.72 0.82
CA GLY A 35 -6.29 -14.51 0.64
C GLY A 35 -6.80 -14.42 -0.79
N GLY A 36 -5.98 -14.75 -1.77
CA GLY A 36 -6.46 -14.69 -3.18
C GLY A 36 -6.10 -13.33 -3.77
N TYR A 37 -4.89 -13.18 -4.22
CA TYR A 37 -4.44 -11.88 -4.79
C TYR A 37 -2.92 -11.93 -4.94
N ASP A 38 -2.33 -11.25 -5.90
CA ASP A 38 -0.86 -11.33 -6.01
C ASP A 38 -0.31 -10.01 -6.52
N VAL A 39 -1.07 -8.95 -6.44
CA VAL A 39 -0.56 -7.64 -6.95
C VAL A 39 0.03 -7.91 -8.32
N GLU A 40 -0.45 -8.93 -8.95
CA GLU A 40 0.04 -9.32 -10.27
C GLU A 40 -1.17 -9.74 -11.10
N LYS A 41 -1.69 -10.89 -10.83
CA LYS A 41 -2.90 -11.33 -11.55
C LYS A 41 -4.07 -10.55 -10.96
N ASN A 42 -3.82 -9.76 -9.94
CA ASN A 42 -4.87 -8.94 -9.31
C ASN A 42 -4.27 -7.57 -9.09
N ASN A 43 -3.33 -7.20 -9.92
CA ASN A 43 -2.67 -5.89 -9.79
C ASN A 43 -3.70 -4.79 -10.07
N SER A 44 -4.87 -5.16 -10.53
CA SER A 44 -5.91 -4.13 -10.80
C SER A 44 -6.43 -3.60 -9.48
N ARG A 45 -6.14 -4.26 -8.39
CA ARG A 45 -6.63 -3.73 -7.09
C ARG A 45 -5.43 -3.34 -6.23
N ILE A 46 -4.24 -3.66 -6.65
CA ILE A 46 -3.06 -3.25 -5.87
C ILE A 46 -2.50 -1.95 -6.45
N LYS A 47 -2.58 -1.77 -7.73
CA LYS A 47 -2.07 -0.49 -8.30
C LYS A 47 -3.16 0.56 -8.15
N LEU A 48 -4.25 0.20 -7.52
CA LEU A 48 -5.37 1.15 -7.30
C LEU A 48 -5.62 1.22 -5.80
N GLY A 49 -5.60 0.09 -5.15
CA GLY A 49 -5.80 0.05 -3.67
C GLY A 49 -4.49 0.52 -3.06
N LEU A 50 -3.40 0.27 -3.73
CA LEU A 50 -2.09 0.75 -3.24
C LEU A 50 -1.97 2.19 -3.70
N LYS A 51 -2.03 2.40 -4.99
CA LYS A 51 -1.97 3.79 -5.51
C LYS A 51 -3.00 4.60 -4.70
N SER A 52 -3.97 3.92 -4.14
CA SER A 52 -4.99 4.62 -3.33
C SER A 52 -4.47 4.81 -1.93
N LEU A 53 -3.80 3.85 -1.34
CA LEU A 53 -3.29 4.14 0.03
C LEU A 53 -2.11 5.08 -0.14
N VAL A 54 -1.10 4.61 -0.82
CA VAL A 54 0.09 5.46 -1.09
C VAL A 54 -0.34 6.83 -1.62
N SER A 55 -1.54 6.98 -2.14
CA SER A 55 -1.93 8.31 -2.70
C SER A 55 -3.27 8.82 -2.15
N LYS A 56 -3.88 8.13 -1.21
CA LYS A 56 -5.16 8.67 -0.65
C LYS A 56 -4.80 9.57 0.52
N GLY A 57 -3.65 9.35 1.06
CA GLY A 57 -3.19 10.17 2.22
C GLY A 57 -2.91 9.25 3.41
N THR A 58 -3.16 7.97 3.26
CA THR A 58 -2.86 7.04 4.36
C THR A 58 -1.37 6.77 4.30
N LEU A 59 -0.92 6.35 3.15
CA LEU A 59 0.51 6.09 2.94
C LEU A 59 1.13 7.27 2.19
N VAL A 60 1.08 8.42 2.78
CA VAL A 60 1.67 9.62 2.13
C VAL A 60 3.17 9.42 1.96
N GLN A 61 3.55 8.83 0.88
CA GLN A 61 4.98 8.56 0.62
C GLN A 61 5.70 9.84 0.19
N THR A 62 6.64 9.73 -0.71
CA THR A 62 7.42 10.91 -1.19
C THR A 62 7.84 11.76 0.00
N LYS A 63 7.92 11.16 1.16
CA LYS A 63 8.33 11.91 2.39
C LYS A 63 7.91 13.38 2.30
N GLY A 64 6.77 13.64 1.71
CA GLY A 64 6.32 15.06 1.58
C GLY A 64 7.29 15.80 0.65
N THR A 65 8.34 16.37 1.18
CA THR A 65 9.31 17.09 0.31
C THR A 65 10.68 16.42 0.41
N GLY A 66 11.59 16.97 1.17
CA GLY A 66 12.94 16.36 1.28
C GLY A 66 13.41 15.94 -0.11
N ALA A 67 13.40 14.65 -0.39
CA ALA A 67 13.82 14.17 -1.73
C ALA A 67 14.21 12.69 -1.63
N SER A 68 13.42 11.83 -2.23
CA SER A 68 13.73 10.37 -2.18
C SER A 68 12.56 9.58 -2.75
N GLY A 69 11.56 9.32 -1.95
CA GLY A 69 10.38 8.56 -2.46
C GLY A 69 10.16 7.31 -1.59
N SER A 70 9.20 7.37 -0.70
CA SER A 70 8.93 6.19 0.18
C SER A 70 7.67 6.46 1.00
N PHE A 71 6.84 5.47 1.19
CA PHE A 71 5.59 5.66 1.98
C PHE A 71 5.93 6.06 3.41
N ARG A 72 5.32 7.10 3.90
CA ARG A 72 5.60 7.55 5.31
C ARG A 72 4.28 7.48 6.05
N LEU A 73 3.47 6.55 5.66
CA LEU A 73 2.13 6.41 6.28
C LEU A 73 1.48 7.79 6.36
N SER A 74 0.72 8.05 7.39
CA SER A 74 0.05 9.37 7.46
C SER A 74 0.88 10.31 8.33
N LYS A 75 1.93 9.83 8.93
CA LYS A 75 2.77 10.69 9.79
C LYS A 75 4.22 10.22 9.75
N MET A 1 -18.37 -0.75 -3.30
CA MET A 1 -18.14 -1.78 -2.25
C MET A 1 -16.78 -1.57 -1.61
N ALA A 2 -16.48 -0.37 -1.20
CA ALA A 2 -15.16 -0.10 -0.56
C ALA A 2 -14.95 -1.05 0.61
N GLY A 3 -13.82 -1.69 0.69
CA GLY A 3 -13.56 -2.64 1.82
C GLY A 3 -12.71 -3.80 1.32
N PRO A 4 -13.35 -4.94 1.18
CA PRO A 4 -12.59 -6.12 0.68
C PRO A 4 -11.68 -5.69 -0.47
N SER A 5 -12.08 -4.67 -1.18
CA SER A 5 -11.25 -4.16 -2.30
C SER A 5 -9.90 -3.68 -1.80
N VAL A 6 -8.93 -3.71 -2.66
CA VAL A 6 -7.57 -3.25 -2.28
C VAL A 6 -7.63 -1.82 -1.78
N THR A 7 -7.86 -1.68 -0.51
CA THR A 7 -7.96 -0.36 0.15
C THR A 7 -8.11 -0.66 1.63
N GLU A 8 -8.96 -1.60 1.94
CA GLU A 8 -9.11 -2.05 3.34
C GLU A 8 -8.09 -3.17 3.55
N LEU A 9 -7.72 -3.80 2.45
CA LEU A 9 -6.71 -4.90 2.49
C LEU A 9 -5.32 -4.29 2.73
N ILE A 10 -4.98 -3.26 2.01
CA ILE A 10 -3.65 -2.64 2.19
C ILE A 10 -3.62 -1.96 3.55
N THR A 11 -4.53 -1.05 3.77
CA THR A 11 -4.57 -0.35 5.07
C THR A 11 -4.55 -1.41 6.18
N LYS A 12 -5.01 -2.60 5.88
CA LYS A 12 -5.00 -3.68 6.89
C LYS A 12 -3.54 -4.11 7.10
N ALA A 13 -2.82 -4.31 6.03
CA ALA A 13 -1.38 -4.70 6.16
C ALA A 13 -0.55 -3.45 6.41
N VAL A 14 -1.18 -2.31 6.48
CA VAL A 14 -0.41 -1.06 6.73
C VAL A 14 0.55 -1.28 7.89
N SER A 15 0.23 -2.19 8.77
CA SER A 15 1.13 -2.46 9.92
C SER A 15 2.57 -2.51 9.44
N ALA A 16 2.84 -3.28 8.41
CA ALA A 16 4.22 -3.36 7.89
C ALA A 16 4.69 -1.96 7.49
N SER A 17 3.87 -1.22 6.80
CA SER A 17 4.26 0.16 6.39
C SER A 17 4.82 0.91 7.60
N LYS A 18 5.52 1.98 7.37
CA LYS A 18 6.10 2.75 8.52
C LYS A 18 7.29 2.00 9.10
N GLU A 19 8.11 1.41 8.26
CA GLU A 19 9.29 0.66 8.77
C GLU A 19 10.54 1.13 8.03
N ARG A 20 11.53 1.59 8.75
CA ARG A 20 12.78 2.07 8.09
C ARG A 20 12.41 2.99 6.93
N LYS A 21 11.50 3.91 7.17
CA LYS A 21 11.07 4.86 6.09
C LYS A 21 11.00 4.12 4.75
N GLY A 22 10.09 3.20 4.62
CA GLY A 22 9.96 2.44 3.34
C GLY A 22 9.27 1.11 3.61
N LEU A 23 9.74 0.04 3.03
CA LEU A 23 9.09 -1.28 3.26
C LEU A 23 7.58 -1.11 3.21
N SER A 24 7.02 -1.02 2.05
CA SER A 24 5.54 -0.83 1.97
C SER A 24 5.07 -1.17 0.56
N LEU A 25 5.48 -0.44 -0.43
CA LEU A 25 5.03 -0.76 -1.81
C LEU A 25 5.49 -2.17 -2.17
N ALA A 26 6.68 -2.55 -1.75
CA ALA A 26 7.18 -3.92 -2.07
C ALA A 26 7.03 -4.82 -0.85
N ALA A 27 6.29 -4.38 0.13
CA ALA A 27 6.08 -5.21 1.36
C ALA A 27 4.59 -5.19 1.68
N LEU A 28 4.06 -4.05 2.02
CA LEU A 28 2.61 -3.94 2.32
C LEU A 28 1.81 -4.42 1.11
N LYS A 29 2.18 -4.04 -0.07
CA LYS A 29 1.42 -4.46 -1.28
C LYS A 29 1.86 -5.86 -1.68
N LYS A 30 2.40 -6.60 -0.75
CA LYS A 30 2.81 -8.01 -1.01
C LYS A 30 2.07 -8.90 0.00
N ALA A 31 1.23 -8.29 0.82
CA ALA A 31 0.46 -9.06 1.84
C ALA A 31 -0.98 -9.17 1.35
N LEU A 32 -1.37 -8.30 0.47
CA LEU A 32 -2.77 -8.34 -0.07
C LEU A 32 -2.93 -9.54 -0.95
N ALA A 33 -1.85 -10.19 -1.23
CA ALA A 33 -1.94 -11.40 -2.07
C ALA A 33 -3.18 -12.20 -1.64
N ALA A 34 -3.59 -12.06 -0.39
CA ALA A 34 -4.80 -12.78 0.11
C ALA A 34 -4.76 -14.20 -0.42
N GLY A 35 -3.59 -14.69 -0.69
CA GLY A 35 -3.47 -16.07 -1.22
C GLY A 35 -3.67 -16.04 -2.75
N GLY A 36 -4.83 -15.66 -3.20
CA GLY A 36 -5.08 -15.58 -4.67
C GLY A 36 -4.42 -14.30 -5.16
N TYR A 37 -4.85 -13.20 -4.62
CA TYR A 37 -4.23 -11.90 -5.00
C TYR A 37 -2.72 -12.10 -4.97
N ASP A 38 -1.96 -11.49 -5.84
CA ASP A 38 -0.50 -11.73 -5.75
C ASP A 38 0.24 -10.47 -6.16
N VAL A 39 -0.44 -9.34 -6.27
CA VAL A 39 0.27 -8.10 -6.68
C VAL A 39 1.12 -8.47 -7.87
N GLU A 40 0.69 -9.49 -8.55
CA GLU A 40 1.36 -9.99 -9.76
C GLU A 40 0.27 -10.16 -10.79
N LYS A 41 -0.62 -11.07 -10.54
CA LYS A 41 -1.79 -11.24 -11.43
C LYS A 41 -2.83 -10.21 -10.96
N ASN A 42 -2.56 -9.61 -9.82
CA ASN A 42 -3.45 -8.56 -9.26
C ASN A 42 -2.57 -7.35 -8.99
N ASN A 43 -1.40 -7.32 -9.57
CA ASN A 43 -0.49 -6.17 -9.36
C ASN A 43 -1.12 -4.97 -10.06
N SER A 44 -1.80 -5.22 -11.14
CA SER A 44 -2.46 -4.12 -11.86
C SER A 44 -3.54 -3.55 -10.95
N ARG A 45 -3.88 -4.22 -9.88
CA ARG A 45 -4.92 -3.66 -8.99
C ARG A 45 -4.29 -3.22 -7.68
N ILE A 46 -3.05 -3.54 -7.45
CA ILE A 46 -2.39 -3.08 -6.20
C ILE A 46 -1.77 -1.72 -6.48
N LYS A 47 -1.15 -1.55 -7.63
CA LYS A 47 -0.54 -0.23 -7.95
C LYS A 47 -1.67 0.80 -8.09
N LEU A 48 -2.89 0.34 -8.07
CA LEU A 48 -4.05 1.27 -8.16
C LEU A 48 -4.59 1.43 -6.76
N GLY A 49 -4.83 0.33 -6.09
CA GLY A 49 -5.31 0.39 -4.70
C GLY A 49 -4.12 0.75 -3.82
N LEU A 50 -2.95 0.89 -4.40
CA LEU A 50 -1.76 1.27 -3.59
C LEU A 50 -1.59 2.77 -3.74
N LYS A 51 -1.39 3.21 -4.96
CA LYS A 51 -1.29 4.66 -5.18
C LYS A 51 -2.54 5.28 -4.57
N SER A 52 -3.58 4.48 -4.42
CA SER A 52 -4.84 4.98 -3.81
C SER A 52 -4.84 4.68 -2.33
N LEU A 53 -4.18 3.64 -1.86
CA LEU A 53 -4.19 3.44 -0.38
C LEU A 53 -3.36 4.56 0.22
N VAL A 54 -2.09 4.58 -0.07
CA VAL A 54 -1.22 5.66 0.47
C VAL A 54 -1.74 7.04 0.07
N SER A 55 -1.85 7.31 -1.20
CA SER A 55 -2.32 8.65 -1.66
C SER A 55 -3.72 8.96 -1.10
N LYS A 56 -4.55 7.96 -0.91
CA LYS A 56 -5.91 8.24 -0.36
C LYS A 56 -5.76 9.19 0.82
N GLY A 57 -4.63 9.11 1.46
CA GLY A 57 -4.37 9.98 2.62
C GLY A 57 -4.23 9.12 3.88
N THR A 58 -4.69 7.90 3.82
CA THR A 58 -4.56 7.01 5.01
C THR A 58 -3.07 6.80 5.23
N LEU A 59 -2.45 6.05 4.36
CA LEU A 59 -1.01 5.81 4.49
C LEU A 59 -0.23 6.86 3.70
N VAL A 60 -0.28 8.09 4.15
CA VAL A 60 0.46 9.17 3.43
C VAL A 60 1.96 8.88 3.45
N GLN A 61 2.51 8.66 2.30
CA GLN A 61 3.98 8.36 2.20
C GLN A 61 4.73 9.60 1.73
N THR A 62 5.89 9.41 1.14
CA THR A 62 6.68 10.56 0.63
C THR A 62 7.43 10.13 -0.63
N LYS A 63 6.72 9.62 -1.59
CA LYS A 63 7.38 9.16 -2.85
C LYS A 63 7.69 10.37 -3.74
N GLY A 64 8.86 10.94 -3.60
CA GLY A 64 9.23 12.11 -4.46
C GLY A 64 9.48 11.61 -5.88
N THR A 65 10.60 11.97 -6.46
CA THR A 65 10.90 11.50 -7.85
C THR A 65 12.02 10.46 -7.80
N GLY A 66 13.12 10.79 -7.17
CA GLY A 66 14.23 9.81 -7.08
C GLY A 66 13.67 8.46 -6.62
N ALA A 67 12.53 8.50 -5.99
CA ALA A 67 11.87 7.24 -5.49
C ALA A 67 12.35 6.96 -4.07
N SER A 68 11.85 7.70 -3.12
CA SER A 68 12.28 7.48 -1.71
C SER A 68 11.08 7.67 -0.76
N GLY A 69 9.97 7.05 -1.06
CA GLY A 69 8.79 7.20 -0.16
C GLY A 69 9.03 6.39 1.11
N SER A 70 8.12 6.43 2.05
CA SER A 70 8.31 5.65 3.31
C SER A 70 6.95 5.33 3.95
N PHE A 71 5.89 5.44 3.18
CA PHE A 71 4.51 5.16 3.71
C PHE A 71 4.47 5.25 5.22
N ARG A 72 4.37 6.43 5.77
CA ARG A 72 4.31 6.55 7.25
C ARG A 72 2.89 6.21 7.66
N LEU A 73 2.00 7.14 7.51
CA LEU A 73 0.56 6.91 7.83
C LEU A 73 -0.14 8.25 7.98
N SER A 74 -1.43 8.23 8.17
CA SER A 74 -2.18 9.50 8.29
C SER A 74 -1.40 10.48 9.19
N LYS A 75 -1.28 10.19 10.45
CA LYS A 75 -0.53 11.10 11.36
C LYS A 75 -1.29 12.41 11.51
N MET A 1 -10.03 12.81 3.45
CA MET A 1 -9.50 12.69 4.83
C MET A 1 -8.28 11.76 4.83
N ALA A 2 -7.21 12.18 5.45
CA ALA A 2 -5.99 11.31 5.48
C ALA A 2 -4.78 12.15 5.91
N GLY A 3 -3.65 11.53 6.12
CA GLY A 3 -2.44 12.29 6.53
C GLY A 3 -1.84 12.98 5.32
N PRO A 4 -0.54 13.14 5.36
CA PRO A 4 0.14 13.81 4.22
C PRO A 4 0.87 12.77 3.36
N SER A 5 0.54 12.69 2.10
CA SER A 5 1.21 11.70 1.21
C SER A 5 0.95 10.28 1.71
N VAL A 6 1.74 9.80 2.63
CA VAL A 6 1.51 8.41 3.16
C VAL A 6 0.05 8.32 3.62
N THR A 7 -0.80 7.90 2.73
CA THR A 7 -2.26 7.76 2.98
C THR A 7 -2.94 8.01 1.63
N GLU A 8 -2.52 9.07 1.00
CA GLU A 8 -3.00 9.41 -0.37
C GLU A 8 -1.79 9.22 -1.26
N LEU A 9 -0.89 8.42 -0.78
CA LEU A 9 0.39 8.14 -1.47
C LEU A 9 0.40 6.67 -1.88
N ILE A 10 -0.03 5.80 -1.00
CA ILE A 10 -0.07 4.36 -1.36
C ILE A 10 -1.15 4.20 -2.43
N THR A 11 -2.28 4.81 -2.20
CA THR A 11 -3.38 4.74 -3.19
C THR A 11 -2.87 5.28 -4.52
N LYS A 12 -1.80 6.01 -4.50
CA LYS A 12 -1.23 6.54 -5.78
C LYS A 12 -0.57 5.38 -6.53
N ALA A 13 0.11 4.52 -5.80
CA ALA A 13 0.76 3.35 -6.44
C ALA A 13 -0.28 2.26 -6.63
N VAL A 14 -1.44 2.43 -6.07
CA VAL A 14 -2.52 1.39 -6.20
C VAL A 14 -2.55 0.86 -7.63
N SER A 15 -2.47 1.73 -8.60
CA SER A 15 -2.50 1.27 -10.03
C SER A 15 -1.11 1.39 -10.63
N ALA A 16 -0.33 2.36 -10.21
CA ALA A 16 1.04 2.51 -10.78
C ALA A 16 1.71 1.14 -10.89
N SER A 17 1.50 0.29 -9.92
CA SER A 17 2.13 -1.07 -9.98
C SER A 17 1.49 -1.89 -11.10
N LYS A 18 2.27 -2.42 -11.98
CA LYS A 18 1.70 -3.23 -13.10
C LYS A 18 1.44 -4.65 -12.62
N GLU A 19 0.46 -4.84 -11.78
CA GLU A 19 0.15 -6.21 -11.27
C GLU A 19 -1.36 -6.36 -11.08
N ARG A 20 -1.81 -7.55 -10.78
CA ARG A 20 -3.26 -7.77 -10.57
C ARG A 20 -3.49 -8.40 -9.19
N LYS A 21 -2.77 -7.95 -8.20
CA LYS A 21 -2.94 -8.53 -6.83
C LYS A 21 -2.26 -7.63 -5.79
N GLY A 22 -2.07 -6.38 -6.09
CA GLY A 22 -1.42 -5.45 -5.12
C GLY A 22 -0.33 -6.15 -4.31
N LEU A 23 0.30 -7.16 -4.88
CA LEU A 23 1.37 -7.86 -4.11
C LEU A 23 0.89 -8.17 -2.71
N SER A 24 1.76 -8.66 -1.87
CA SER A 24 1.38 -8.97 -0.46
C SER A 24 1.98 -7.87 0.42
N LEU A 25 1.65 -6.64 0.14
CA LEU A 25 2.21 -5.50 0.93
C LEU A 25 3.65 -5.28 0.49
N ALA A 26 3.85 -4.97 -0.75
CA ALA A 26 5.23 -4.75 -1.26
C ALA A 26 5.19 -3.91 -2.54
N ALA A 27 4.78 -4.45 -3.64
CA ALA A 27 4.76 -3.63 -4.89
C ALA A 27 4.04 -2.31 -4.62
N LEU A 28 3.14 -2.31 -3.68
CA LEU A 28 2.37 -1.06 -3.39
C LEU A 28 3.23 -0.07 -2.57
N LYS A 29 3.36 -0.34 -1.30
CA LYS A 29 4.15 0.59 -0.42
C LYS A 29 5.64 0.54 -0.79
N LYS A 30 6.12 -0.58 -1.23
CA LYS A 30 7.55 -0.67 -1.65
C LYS A 30 7.74 0.18 -2.91
N ALA A 31 6.65 0.52 -3.55
CA ALA A 31 6.74 1.37 -4.76
C ALA A 31 6.83 2.82 -4.29
N LEU A 32 6.40 3.04 -3.07
CA LEU A 32 6.44 4.38 -2.47
C LEU A 32 7.85 4.76 -2.10
N ALA A 33 8.80 3.95 -2.42
CA ALA A 33 10.19 4.31 -2.09
C ALA A 33 10.42 5.77 -2.47
N ALA A 34 9.59 6.32 -3.34
CA ALA A 34 9.74 7.75 -3.75
C ALA A 34 11.22 8.04 -3.97
N GLY A 35 11.96 7.04 -4.33
CA GLY A 35 13.42 7.25 -4.55
C GLY A 35 14.15 7.13 -3.21
N GLY A 36 13.86 8.01 -2.30
CA GLY A 36 14.52 7.94 -0.96
C GLY A 36 13.71 6.97 -0.09
N TYR A 37 12.45 7.21 0.04
CA TYR A 37 11.58 6.29 0.83
C TYR A 37 11.92 4.86 0.47
N ASP A 38 11.79 3.92 1.36
CA ASP A 38 12.09 2.53 0.98
C ASP A 38 11.25 1.59 1.84
N VAL A 39 10.22 2.09 2.52
CA VAL A 39 9.40 1.20 3.36
C VAL A 39 10.36 0.34 4.16
N GLU A 40 11.53 0.87 4.37
CA GLU A 40 12.57 0.15 5.11
C GLU A 40 13.14 1.08 6.17
N LYS A 41 14.03 1.95 5.78
CA LYS A 41 14.58 2.91 6.76
C LYS A 41 13.45 3.87 7.14
N ASN A 42 12.35 3.81 6.41
CA ASN A 42 11.20 4.69 6.72
C ASN A 42 9.96 3.81 6.65
N ASN A 43 10.13 2.53 6.90
CA ASN A 43 8.98 1.60 6.85
C ASN A 43 8.01 1.96 7.98
N SER A 44 8.41 2.83 8.85
CA SER A 44 7.50 3.22 9.96
C SER A 44 6.41 4.12 9.41
N ARG A 45 6.48 4.49 8.15
CA ARG A 45 5.41 5.37 7.60
C ARG A 45 4.69 4.62 6.48
N ILE A 46 5.33 3.64 5.91
CA ILE A 46 4.68 2.86 4.84
C ILE A 46 3.86 1.74 5.47
N LYS A 47 4.35 1.17 6.53
CA LYS A 47 3.58 0.08 7.21
C LYS A 47 2.48 0.72 8.06
N LEU A 48 2.38 2.02 8.02
CA LEU A 48 1.33 2.73 8.79
C LEU A 48 0.35 3.28 7.76
N GLY A 49 0.87 3.83 6.70
CA GLY A 49 -0.01 4.34 5.62
C GLY A 49 -0.50 3.12 4.85
N LEU A 50 0.15 2.00 5.03
CA LEU A 50 -0.26 0.75 4.34
C LEU A 50 -1.18 0.00 5.28
N LYS A 51 -0.71 -0.28 6.47
CA LYS A 51 -1.59 -0.97 7.44
C LYS A 51 -2.87 -0.14 7.50
N SER A 52 -2.75 1.12 7.16
CA SER A 52 -3.91 2.04 7.16
C SER A 52 -4.49 2.14 5.74
N LEU A 53 -3.73 1.91 4.69
CA LEU A 53 -4.37 2.02 3.36
C LEU A 53 -5.17 0.75 3.09
N VAL A 54 -4.51 -0.37 3.09
CA VAL A 54 -5.22 -1.65 2.84
C VAL A 54 -6.21 -1.97 3.97
N SER A 55 -6.17 -1.25 5.06
CA SER A 55 -7.13 -1.54 6.17
C SER A 55 -8.22 -0.49 6.20
N LYS A 56 -7.85 0.76 6.32
CA LYS A 56 -8.87 1.86 6.36
C LYS A 56 -9.99 1.55 5.37
N GLY A 57 -9.68 0.89 4.29
CA GLY A 57 -10.73 0.55 3.29
C GLY A 57 -10.32 1.02 1.90
N THR A 58 -9.57 2.09 1.81
CA THR A 58 -9.15 2.58 0.47
C THR A 58 -8.66 1.39 -0.35
N LEU A 59 -7.78 0.61 0.22
CA LEU A 59 -7.24 -0.56 -0.50
C LEU A 59 -7.70 -1.86 0.20
N VAL A 60 -8.98 -2.11 0.18
CA VAL A 60 -9.56 -3.32 0.85
C VAL A 60 -9.05 -4.64 0.26
N GLN A 61 -8.16 -4.59 -0.68
CA GLN A 61 -7.65 -5.85 -1.30
C GLN A 61 -8.83 -6.80 -1.51
N THR A 62 -8.57 -8.06 -1.70
CA THR A 62 -9.70 -9.01 -1.90
C THR A 62 -9.48 -10.25 -1.06
N LYS A 63 -8.60 -10.15 -0.10
CA LYS A 63 -8.31 -11.32 0.80
C LYS A 63 -8.41 -12.64 0.03
N GLY A 64 -8.11 -12.63 -1.25
CA GLY A 64 -8.21 -13.88 -2.05
C GLY A 64 -7.15 -14.87 -1.58
N THR A 65 -7.55 -16.09 -1.28
CA THR A 65 -6.57 -17.12 -0.82
C THR A 65 -6.30 -16.96 0.68
N GLY A 66 -6.23 -15.74 1.16
CA GLY A 66 -5.97 -15.53 2.61
C GLY A 66 -4.53 -15.03 2.81
N ALA A 67 -3.74 -15.07 1.78
CA ALA A 67 -2.33 -14.60 1.90
C ALA A 67 -2.30 -13.07 1.97
N SER A 68 -3.38 -12.43 1.60
CA SER A 68 -3.41 -10.94 1.67
C SER A 68 -4.62 -10.43 0.88
N GLY A 69 -4.59 -10.55 -0.42
CA GLY A 69 -5.74 -10.06 -1.24
C GLY A 69 -5.24 -9.12 -2.32
N SER A 70 -5.82 -9.19 -3.49
CA SER A 70 -5.39 -8.28 -4.60
C SER A 70 -5.70 -6.83 -4.21
N PHE A 71 -4.71 -6.08 -3.78
CA PHE A 71 -4.99 -4.67 -3.38
C PHE A 71 -5.50 -3.89 -4.59
N ARG A 72 -6.78 -3.89 -4.82
CA ARG A 72 -7.29 -3.09 -5.96
C ARG A 72 -7.64 -1.72 -5.39
N LEU A 73 -8.74 -1.61 -4.71
CA LEU A 73 -9.12 -0.32 -4.05
C LEU A 73 -10.58 -0.36 -3.65
N SER A 74 -10.84 -0.93 -2.51
CA SER A 74 -12.23 -1.02 -2.00
C SER A 74 -13.08 -1.88 -2.95
N LYS A 75 -12.44 -2.65 -3.79
CA LYS A 75 -13.21 -3.51 -4.73
C LYS A 75 -12.70 -4.95 -4.63
N MET A 1 -15.83 3.71 2.00
CA MET A 1 -16.18 2.50 2.80
C MET A 1 -15.10 1.44 2.60
N ALA A 2 -14.66 1.24 1.38
CA ALA A 2 -13.62 0.21 1.13
C ALA A 2 -14.05 -1.11 1.75
N GLY A 3 -13.29 -2.16 1.55
CA GLY A 3 -13.69 -3.46 2.14
C GLY A 3 -12.90 -4.58 1.47
N PRO A 4 -13.55 -5.31 0.62
CA PRO A 4 -12.83 -6.40 -0.06
C PRO A 4 -11.72 -5.81 -0.94
N SER A 5 -11.80 -4.54 -1.23
CA SER A 5 -10.74 -3.91 -2.05
C SER A 5 -9.42 -4.08 -1.34
N VAL A 6 -8.37 -3.71 -2.00
CA VAL A 6 -7.03 -3.86 -1.38
C VAL A 6 -6.71 -2.64 -0.52
N THR A 7 -7.71 -1.95 -0.04
CA THR A 7 -7.49 -0.78 0.83
C THR A 7 -7.73 -1.26 2.26
N GLU A 8 -8.70 -2.13 2.44
CA GLU A 8 -8.94 -2.68 3.79
C GLU A 8 -7.86 -3.74 4.04
N LEU A 9 -7.14 -4.10 3.00
CA LEU A 9 -6.06 -5.10 3.13
C LEU A 9 -4.72 -4.37 3.13
N ILE A 10 -4.51 -3.51 2.17
CA ILE A 10 -3.22 -2.76 2.10
C ILE A 10 -3.13 -1.83 3.31
N THR A 11 -3.85 -0.75 3.29
CA THR A 11 -3.81 0.20 4.44
C THR A 11 -3.77 -0.60 5.74
N LYS A 12 -4.46 -1.71 5.80
CA LYS A 12 -4.43 -2.54 7.02
C LYS A 12 -2.99 -2.96 7.28
N ALA A 13 -2.38 -3.54 6.28
CA ALA A 13 -0.95 -3.97 6.42
C ALA A 13 -0.06 -2.74 6.53
N VAL A 14 -0.62 -1.58 6.31
CA VAL A 14 0.20 -0.34 6.42
C VAL A 14 1.01 -0.41 7.72
N SER A 15 0.56 -1.21 8.65
CA SER A 15 1.27 -1.35 9.95
C SER A 15 0.82 -0.20 10.84
N ALA A 16 -0.36 0.29 10.60
CA ALA A 16 -0.87 1.43 11.41
C ALA A 16 0.04 2.63 11.16
N SER A 17 0.87 2.56 10.15
CA SER A 17 1.79 3.69 9.86
C SER A 17 2.70 3.92 11.06
N LYS A 18 3.11 5.14 11.29
CA LYS A 18 4.01 5.41 12.45
C LYS A 18 5.36 4.73 12.21
N GLU A 19 5.58 4.22 11.03
CA GLU A 19 6.88 3.53 10.75
C GLU A 19 7.78 4.49 9.96
N ARG A 20 9.00 4.09 9.73
CA ARG A 20 9.94 4.97 8.97
C ARG A 20 10.35 4.27 7.68
N LYS A 21 9.40 3.70 6.98
CA LYS A 21 9.73 3.00 5.70
C LYS A 21 8.46 2.36 5.14
N GLY A 22 7.69 1.71 5.98
CA GLY A 22 6.43 1.06 5.50
C GLY A 22 6.70 0.36 4.16
N LEU A 23 7.88 -0.16 4.00
CA LEU A 23 8.20 -0.87 2.72
C LEU A 23 8.04 0.12 1.57
N SER A 24 8.08 -0.36 0.35
CA SER A 24 7.93 0.58 -0.80
C SER A 24 7.21 -0.12 -1.95
N LEU A 25 5.92 0.07 -2.02
CA LEU A 25 5.09 -0.57 -3.08
C LEU A 25 5.55 -2.01 -3.35
N ALA A 26 6.21 -2.64 -2.43
CA ALA A 26 6.60 -4.07 -2.64
C ALA A 26 6.76 -4.73 -1.27
N ALA A 27 5.66 -4.93 -0.60
CA ALA A 27 5.66 -5.54 0.75
C ALA A 27 4.29 -5.27 1.38
N LEU A 28 3.98 -4.02 1.66
CA LEU A 28 2.64 -3.71 2.23
C LEU A 28 1.62 -4.41 1.35
N LYS A 29 1.64 -4.03 0.11
CA LYS A 29 0.70 -4.57 -0.90
C LYS A 29 1.02 -6.05 -1.15
N LYS A 30 2.19 -6.49 -0.74
CA LYS A 30 2.55 -7.93 -0.91
C LYS A 30 1.97 -8.73 0.26
N ALA A 31 1.36 -8.07 1.21
CA ALA A 31 0.72 -8.76 2.37
C ALA A 31 -0.74 -9.08 1.97
N LEU A 32 -1.16 -8.51 0.87
CA LEU A 32 -2.53 -8.74 0.37
C LEU A 32 -2.43 -9.70 -0.81
N ALA A 33 -1.23 -10.00 -1.20
CA ALA A 33 -0.99 -10.94 -2.31
C ALA A 33 -0.97 -12.38 -1.78
N ALA A 34 -1.75 -12.68 -0.78
CA ALA A 34 -1.75 -14.07 -0.24
C ALA A 34 -3.18 -14.49 0.14
N GLY A 35 -4.13 -14.28 -0.72
CA GLY A 35 -5.53 -14.70 -0.39
C GLY A 35 -6.43 -14.47 -1.60
N GLY A 36 -6.08 -15.05 -2.72
CA GLY A 36 -6.89 -14.83 -3.96
C GLY A 36 -6.42 -13.51 -4.57
N TYR A 37 -5.38 -12.98 -4.00
CA TYR A 37 -4.80 -11.70 -4.45
C TYR A 37 -3.29 -11.90 -4.49
N ASP A 38 -2.56 -11.41 -5.46
CA ASP A 38 -1.11 -11.66 -5.42
C ASP A 38 -0.35 -10.42 -5.90
N VAL A 39 -1.03 -9.28 -6.00
CA VAL A 39 -0.32 -8.05 -6.47
C VAL A 39 0.47 -8.45 -7.71
N GLU A 40 -0.01 -9.46 -8.36
CA GLU A 40 0.63 -9.98 -9.57
C GLU A 40 -0.46 -10.16 -10.62
N LYS A 41 -1.16 -11.26 -10.55
CA LYS A 41 -2.29 -11.45 -11.49
C LYS A 41 -3.45 -10.60 -10.95
N ASN A 42 -3.27 -10.03 -9.77
CA ASN A 42 -4.28 -9.12 -9.19
C ASN A 42 -3.58 -7.79 -8.96
N ASN A 43 -2.40 -7.63 -9.54
CA ASN A 43 -1.63 -6.37 -9.36
C ASN A 43 -2.39 -5.24 -10.04
N SER A 44 -3.30 -5.57 -10.89
CA SER A 44 -4.07 -4.51 -11.58
C SER A 44 -4.95 -3.81 -10.54
N ARG A 45 -5.08 -4.37 -9.36
CA ARG A 45 -5.91 -3.71 -8.33
C ARG A 45 -5.03 -3.36 -7.14
N ILE A 46 -3.78 -3.77 -7.17
CA ILE A 46 -2.87 -3.43 -6.05
C ILE A 46 -2.11 -2.16 -6.42
N LYS A 47 -1.79 -1.97 -7.66
CA LYS A 47 -1.08 -0.72 -8.06
C LYS A 47 -2.12 0.40 -8.15
N LEU A 48 -3.37 0.05 -7.98
CA LEU A 48 -4.47 1.05 -8.00
C LEU A 48 -4.91 1.21 -6.55
N GLY A 49 -4.98 0.11 -5.85
CA GLY A 49 -5.32 0.15 -4.41
C GLY A 49 -4.08 0.66 -3.68
N LEU A 50 -2.96 0.66 -4.37
CA LEU A 50 -1.72 1.18 -3.75
C LEU A 50 -1.71 2.67 -4.01
N LYS A 51 -1.84 3.05 -5.26
CA LYS A 51 -1.93 4.48 -5.59
C LYS A 51 -3.10 5.04 -4.78
N SER A 52 -3.99 4.16 -4.39
CA SER A 52 -5.15 4.55 -3.56
C SER A 52 -4.68 4.60 -2.11
N LEU A 53 -3.85 3.69 -1.69
CA LEU A 53 -3.34 3.81 -0.31
C LEU A 53 -2.63 5.16 -0.29
N VAL A 54 -1.46 5.19 -0.85
CA VAL A 54 -0.71 6.47 -0.96
C VAL A 54 -1.66 7.65 -1.20
N SER A 55 -2.67 7.46 -2.00
CA SER A 55 -3.62 8.57 -2.35
C SER A 55 -4.45 8.96 -1.12
N LYS A 56 -5.40 8.13 -0.77
CA LYS A 56 -6.26 8.42 0.43
C LYS A 56 -5.41 9.11 1.48
N GLY A 57 -4.17 8.76 1.54
CA GLY A 57 -3.26 9.39 2.52
C GLY A 57 -3.20 8.52 3.77
N THR A 58 -2.75 7.30 3.63
CA THR A 58 -2.67 6.41 4.81
C THR A 58 -1.21 6.09 5.03
N LEU A 59 -0.52 5.67 4.01
CA LEU A 59 0.89 5.35 4.19
C LEU A 59 1.82 6.46 3.68
N VAL A 60 1.25 7.50 3.14
CA VAL A 60 2.06 8.63 2.60
C VAL A 60 3.32 8.10 1.91
N GLN A 61 3.28 7.99 0.61
CA GLN A 61 4.48 7.48 -0.14
C GLN A 61 4.90 8.50 -1.22
N THR A 62 4.76 9.77 -0.95
CA THR A 62 5.15 10.81 -1.98
C THR A 62 6.42 10.36 -2.71
N LYS A 63 6.24 9.72 -3.84
CA LYS A 63 7.42 9.23 -4.61
C LYS A 63 8.35 10.40 -4.96
N GLY A 64 9.38 10.62 -4.18
CA GLY A 64 10.32 11.73 -4.48
C GLY A 64 11.70 11.17 -4.79
N THR A 65 12.12 11.27 -6.03
CA THR A 65 13.46 10.73 -6.40
C THR A 65 14.52 11.35 -5.49
N GLY A 66 14.85 10.69 -4.41
CA GLY A 66 15.88 11.22 -3.49
C GLY A 66 15.48 12.64 -3.05
N ALA A 67 14.22 12.94 -3.04
CA ALA A 67 13.78 14.31 -2.62
C ALA A 67 13.30 14.27 -1.17
N SER A 68 12.13 13.75 -0.94
CA SER A 68 11.61 13.69 0.45
C SER A 68 10.68 12.48 0.59
N GLY A 69 9.52 12.55 0.01
CA GLY A 69 8.57 11.41 0.11
C GLY A 69 9.24 10.13 -0.41
N SER A 70 8.65 9.00 -0.13
CA SER A 70 9.24 7.71 -0.61
C SER A 70 8.58 6.56 0.14
N PHE A 71 7.29 6.45 0.08
CA PHE A 71 6.60 5.33 0.79
C PHE A 71 7.21 5.20 2.18
N ARG A 72 6.66 5.89 3.15
CA ARG A 72 7.20 5.81 4.52
C ARG A 72 6.06 5.50 5.47
N LEU A 73 4.93 5.13 4.92
CA LEU A 73 3.74 4.84 5.76
C LEU A 73 3.65 5.84 6.88
N SER A 74 2.94 6.91 6.66
CA SER A 74 2.85 7.94 7.72
C SER A 74 1.39 8.33 7.97
N LYS A 75 0.48 7.41 7.84
CA LYS A 75 -0.95 7.75 8.09
C LYS A 75 -1.40 8.85 7.13
N MET A 1 -7.83 6.66 6.54
CA MET A 1 -7.24 8.03 6.41
C MET A 1 -6.51 8.39 7.71
N ALA A 2 -5.27 7.97 7.85
CA ALA A 2 -4.51 8.29 9.08
C ALA A 2 -3.72 9.58 8.86
N GLY A 3 -2.61 9.50 8.18
CA GLY A 3 -1.80 10.73 7.94
C GLY A 3 -1.96 11.18 6.48
N PRO A 4 -1.17 12.14 6.10
CA PRO A 4 -1.25 12.63 4.72
C PRO A 4 -0.29 11.85 3.82
N SER A 5 0.41 10.91 4.36
CA SER A 5 1.37 10.11 3.54
C SER A 5 1.40 8.67 4.05
N VAL A 6 1.92 7.76 3.26
CA VAL A 6 1.99 6.34 3.69
C VAL A 6 0.54 5.89 3.98
N THR A 7 -0.36 6.27 3.11
CA THR A 7 -1.80 5.93 3.24
C THR A 7 -2.46 6.71 2.12
N GLU A 8 -2.04 7.94 1.98
CA GLU A 8 -2.51 8.78 0.86
C GLU A 8 -1.51 8.57 -0.26
N LEU A 9 -0.28 8.32 0.12
CA LEU A 9 0.80 8.03 -0.86
C LEU A 9 0.54 6.66 -1.47
N ILE A 10 0.23 5.71 -0.64
CA ILE A 10 -0.08 4.35 -1.11
C ILE A 10 -1.22 4.40 -2.09
N THR A 11 -2.29 5.02 -1.66
CA THR A 11 -3.51 5.15 -2.50
C THR A 11 -3.17 5.77 -3.85
N LYS A 12 -2.24 6.68 -3.89
CA LYS A 12 -1.85 7.26 -5.20
C LYS A 12 -1.41 6.09 -6.10
N ALA A 13 -1.08 4.99 -5.48
CA ALA A 13 -0.64 3.77 -6.21
C ALA A 13 -1.73 2.68 -6.12
N VAL A 14 -2.68 2.83 -5.21
CA VAL A 14 -3.74 1.79 -5.07
C VAL A 14 -4.77 1.91 -6.19
N SER A 15 -5.11 3.11 -6.59
CA SER A 15 -6.13 3.27 -7.66
C SER A 15 -5.47 3.67 -8.98
N ALA A 16 -4.25 4.12 -8.95
CA ALA A 16 -3.57 4.51 -10.21
C ALA A 16 -2.52 3.47 -10.59
N SER A 17 -2.78 2.22 -10.27
CA SER A 17 -1.79 1.16 -10.61
C SER A 17 -2.53 -0.09 -11.10
N LYS A 18 -1.96 -0.80 -12.05
CA LYS A 18 -2.62 -2.02 -12.57
C LYS A 18 -1.80 -3.25 -12.16
N GLU A 19 -2.02 -3.76 -10.98
CA GLU A 19 -1.24 -4.95 -10.54
C GLU A 19 -1.76 -6.19 -11.25
N ARG A 20 -1.04 -7.28 -11.19
CA ARG A 20 -1.50 -8.53 -11.85
C ARG A 20 -2.11 -9.47 -10.82
N LYS A 21 -2.97 -8.95 -9.97
CA LYS A 21 -3.61 -9.80 -8.93
C LYS A 21 -2.61 -10.10 -7.80
N GLY A 22 -1.87 -9.10 -7.38
CA GLY A 22 -0.89 -9.32 -6.27
C GLY A 22 0.40 -8.58 -6.59
N LEU A 23 0.60 -7.46 -5.97
CA LEU A 23 1.84 -6.66 -6.23
C LEU A 23 1.71 -5.30 -5.55
N SER A 24 1.53 -5.28 -4.25
CA SER A 24 1.37 -3.98 -3.55
C SER A 24 2.23 -3.94 -2.27
N LEU A 25 1.99 -4.82 -1.36
CA LEU A 25 2.77 -4.81 -0.09
C LEU A 25 4.27 -4.61 -0.39
N ALA A 26 4.77 -5.20 -1.46
CA ALA A 26 6.23 -5.03 -1.76
C ALA A 26 6.44 -4.17 -3.00
N ALA A 27 5.40 -3.76 -3.65
CA ALA A 27 5.55 -2.90 -4.87
C ALA A 27 4.85 -1.58 -4.61
N LEU A 28 3.64 -1.66 -4.14
CA LEU A 28 2.87 -0.43 -3.82
C LEU A 28 3.66 0.37 -2.78
N LYS A 29 4.03 -0.25 -1.69
CA LYS A 29 4.81 0.50 -0.66
C LYS A 29 6.26 0.61 -1.14
N LYS A 30 6.53 0.21 -2.34
CA LYS A 30 7.88 0.35 -2.87
C LYS A 30 7.78 1.17 -4.16
N ALA A 31 6.59 1.67 -4.43
CA ALA A 31 6.39 2.55 -5.60
C ALA A 31 6.57 3.97 -5.09
N LEU A 32 6.41 4.16 -3.80
CA LEU A 32 6.60 5.52 -3.23
C LEU A 32 8.00 5.97 -3.64
N ALA A 33 9.00 5.31 -3.10
CA ALA A 33 10.43 5.63 -3.43
C ALA A 33 10.59 7.09 -3.88
N ALA A 34 9.87 8.00 -3.30
CA ALA A 34 10.02 9.44 -3.72
C ALA A 34 8.84 10.31 -3.26
N GLY A 35 7.74 9.73 -2.87
CA GLY A 35 6.57 10.58 -2.44
C GLY A 35 6.83 11.20 -1.05
N GLY A 36 8.02 11.08 -0.52
CA GLY A 36 8.29 11.65 0.82
C GLY A 36 8.36 10.49 1.81
N TYR A 37 8.95 9.41 1.37
CA TYR A 37 9.06 8.19 2.22
C TYR A 37 9.25 7.01 1.27
N ASP A 38 10.12 6.11 1.57
CA ASP A 38 10.31 4.98 0.65
C ASP A 38 10.30 3.67 1.39
N VAL A 39 9.83 3.63 2.62
CA VAL A 39 9.79 2.34 3.32
C VAL A 39 11.23 1.83 3.42
N GLU A 40 12.16 2.72 3.21
CA GLU A 40 13.57 2.37 3.27
C GLU A 40 14.21 3.27 4.31
N LYS A 41 14.17 4.55 4.09
CA LYS A 41 14.74 5.49 5.08
C LYS A 41 13.73 5.61 6.23
N ASN A 42 12.55 5.06 6.05
CA ASN A 42 11.53 5.13 7.13
C ASN A 42 10.87 3.74 7.22
N ASN A 43 11.59 2.74 6.79
CA ASN A 43 11.09 1.34 6.82
C ASN A 43 10.60 1.00 8.23
N SER A 44 9.34 1.12 8.45
CA SER A 44 8.75 0.81 9.78
C SER A 44 7.41 1.50 9.93
N ARG A 45 7.22 2.58 9.21
CA ARG A 45 5.93 3.28 9.29
C ARG A 45 5.14 2.91 8.05
N ILE A 46 5.83 2.54 7.01
CA ILE A 46 5.14 2.15 5.76
C ILE A 46 4.38 0.84 5.98
N LYS A 47 4.97 -0.09 6.67
CA LYS A 47 4.27 -1.37 6.94
C LYS A 47 3.09 -1.08 7.88
N LEU A 48 3.00 0.14 8.36
CA LEU A 48 1.88 0.51 9.25
C LEU A 48 0.80 1.15 8.38
N GLY A 49 1.20 2.09 7.56
CA GLY A 49 0.21 2.73 6.65
C GLY A 49 -0.02 1.77 5.48
N LEU A 50 0.70 0.67 5.45
CA LEU A 50 0.49 -0.30 4.35
C LEU A 50 -0.57 -1.27 4.81
N LYS A 51 -0.25 -2.06 5.80
CA LYS A 51 -1.25 -3.01 6.33
C LYS A 51 -2.45 -2.19 6.80
N SER A 52 -2.25 -0.91 6.99
CA SER A 52 -3.37 -0.03 7.43
C SER A 52 -3.95 0.70 6.23
N LEU A 53 -3.23 0.88 5.15
CA LEU A 53 -3.88 1.56 4.00
C LEU A 53 -4.80 0.54 3.37
N VAL A 54 -4.24 -0.57 2.96
CA VAL A 54 -5.09 -1.63 2.37
C VAL A 54 -6.14 -2.07 3.39
N SER A 55 -5.71 -2.58 4.52
CA SER A 55 -6.69 -3.02 5.55
C SER A 55 -7.62 -1.87 5.95
N LYS A 56 -7.15 -0.65 5.91
CA LYS A 56 -8.03 0.51 6.28
C LYS A 56 -9.38 0.31 5.62
N GLY A 57 -9.36 -0.21 4.44
CA GLY A 57 -10.62 -0.41 3.69
C GLY A 57 -10.51 0.28 2.33
N THR A 58 -9.62 1.23 2.20
CA THR A 58 -9.45 1.90 0.88
C THR A 58 -9.07 0.82 -0.10
N LEU A 59 -7.88 0.33 0.01
CA LEU A 59 -7.43 -0.76 -0.88
C LEU A 59 -7.80 -2.09 -0.22
N VAL A 60 -8.92 -2.64 -0.60
CA VAL A 60 -9.37 -3.92 0.03
C VAL A 60 -8.74 -5.13 -0.66
N GLN A 61 -7.74 -5.69 -0.03
CA GLN A 61 -7.07 -6.89 -0.57
C GLN A 61 -7.99 -8.10 -0.42
N THR A 62 -7.51 -9.26 -0.78
CA THR A 62 -8.34 -10.49 -0.64
C THR A 62 -7.40 -11.69 -0.49
N LYS A 63 -6.35 -11.52 0.28
CA LYS A 63 -5.37 -12.63 0.46
C LYS A 63 -5.84 -13.60 1.54
N GLY A 64 -7.12 -13.66 1.81
CA GLY A 64 -7.62 -14.59 2.84
C GLY A 64 -7.34 -16.02 2.38
N THR A 65 -8.35 -16.85 2.32
CA THR A 65 -8.12 -18.24 1.84
C THR A 65 -8.05 -18.24 0.32
N GLY A 66 -9.01 -18.82 -0.36
CA GLY A 66 -8.96 -18.82 -1.86
C GLY A 66 -7.54 -19.11 -2.32
N ALA A 67 -6.77 -18.08 -2.59
CA ALA A 67 -5.37 -18.29 -3.03
C ALA A 67 -4.87 -17.02 -3.70
N SER A 68 -5.74 -16.28 -4.33
CA SER A 68 -5.32 -15.02 -5.01
C SER A 68 -5.63 -13.84 -4.09
N GLY A 69 -6.08 -12.74 -4.65
CA GLY A 69 -6.41 -11.56 -3.81
C GLY A 69 -5.13 -10.99 -3.20
N SER A 70 -5.02 -9.70 -3.09
CA SER A 70 -3.78 -9.10 -2.52
C SER A 70 -4.03 -7.63 -2.15
N PHE A 71 -4.63 -6.88 -3.06
CA PHE A 71 -4.95 -5.43 -2.84
C PHE A 71 -5.65 -4.92 -4.10
N ARG A 72 -6.92 -5.16 -4.24
CA ARG A 72 -7.63 -4.65 -5.44
C ARG A 72 -8.05 -3.22 -5.13
N LEU A 73 -9.12 -3.07 -4.42
CA LEU A 73 -9.52 -1.70 -4.01
C LEU A 73 -10.86 -1.72 -3.29
N SER A 74 -11.42 -0.58 -3.05
CA SER A 74 -12.71 -0.53 -2.32
C SER A 74 -13.70 -1.51 -2.95
N LYS A 75 -14.27 -1.15 -4.06
CA LYS A 75 -15.25 -2.06 -4.74
C LYS A 75 -16.17 -2.68 -3.68
N MET A 1 -11.07 8.42 0.06
CA MET A 1 -11.93 7.32 0.62
C MET A 1 -11.46 5.98 0.07
N ALA A 2 -11.03 5.10 0.92
CA ALA A 2 -10.57 3.76 0.46
C ALA A 2 -11.50 3.23 -0.64
N GLY A 3 -10.96 2.74 -1.71
CA GLY A 3 -11.83 2.23 -2.81
C GLY A 3 -12.51 0.93 -2.35
N PRO A 4 -12.67 0.03 -3.28
CA PRO A 4 -13.30 -1.26 -2.94
C PRO A 4 -12.24 -2.30 -2.59
N SER A 5 -12.26 -2.78 -1.37
CA SER A 5 -11.26 -3.79 -0.94
C SER A 5 -9.85 -3.36 -1.39
N VAL A 6 -8.87 -4.18 -1.13
CA VAL A 6 -7.47 -3.82 -1.50
C VAL A 6 -7.22 -2.35 -1.16
N THR A 7 -7.93 -1.87 -0.19
CA THR A 7 -7.80 -0.48 0.30
C THR A 7 -8.08 -0.57 1.79
N GLU A 8 -9.17 -1.20 2.10
CA GLU A 8 -9.51 -1.46 3.53
C GLU A 8 -8.71 -2.71 3.91
N LEU A 9 -8.36 -3.50 2.92
CA LEU A 9 -7.56 -4.73 3.16
C LEU A 9 -6.09 -4.33 3.40
N ILE A 10 -5.54 -3.49 2.56
CA ILE A 10 -4.13 -3.05 2.77
C ILE A 10 -4.07 -2.27 4.09
N THR A 11 -4.98 -1.35 4.25
CA THR A 11 -5.00 -0.51 5.48
C THR A 11 -4.90 -1.40 6.73
N LYS A 12 -5.19 -2.68 6.60
CA LYS A 12 -5.07 -3.56 7.80
C LYS A 12 -3.58 -3.67 8.16
N ALA A 13 -2.76 -3.94 7.20
CA ALA A 13 -1.29 -4.04 7.45
C ALA A 13 -0.74 -2.62 7.66
N VAL A 14 -1.54 -1.62 7.46
CA VAL A 14 -1.06 -0.22 7.64
C VAL A 14 -0.54 -0.02 9.07
N SER A 15 -1.19 -0.60 10.03
CA SER A 15 -0.76 -0.44 11.45
C SER A 15 0.62 -1.08 11.66
N ALA A 16 0.84 -2.24 11.09
CA ALA A 16 2.16 -2.91 11.27
C ALA A 16 3.16 -2.41 10.24
N SER A 17 2.94 -1.24 9.69
CA SER A 17 3.89 -0.70 8.67
C SER A 17 4.30 0.71 9.06
N LYS A 18 4.96 0.87 10.18
CA LYS A 18 5.39 2.24 10.61
C LYS A 18 6.91 2.24 10.82
N GLU A 19 7.65 1.92 9.80
CA GLU A 19 9.13 1.93 9.94
C GLU A 19 9.63 3.38 9.90
N ARG A 20 10.92 3.57 9.91
CA ARG A 20 11.45 4.96 9.87
C ARG A 20 11.83 5.33 8.43
N LYS A 21 10.98 4.99 7.49
CA LYS A 21 11.28 5.32 6.08
C LYS A 21 10.09 4.92 5.20
N GLY A 22 9.90 3.64 4.99
CA GLY A 22 8.76 3.17 4.16
C GLY A 22 9.00 1.72 3.79
N LEU A 23 8.24 0.81 4.34
CA LEU A 23 8.45 -0.64 4.01
C LEU A 23 8.68 -0.77 2.50
N SER A 24 7.63 -0.85 1.72
CA SER A 24 7.77 -0.97 0.24
C SER A 24 6.60 -1.78 -0.31
N LEU A 25 6.09 -1.40 -1.45
CA LEU A 25 4.95 -2.16 -2.04
C LEU A 25 5.28 -3.67 -2.02
N ALA A 26 6.53 -4.03 -1.87
CA ALA A 26 6.89 -5.47 -1.84
C ALA A 26 6.60 -6.07 -0.46
N ALA A 27 5.78 -5.42 0.32
CA ALA A 27 5.43 -5.95 1.66
C ALA A 27 3.94 -5.69 1.88
N LEU A 28 3.55 -4.45 1.95
CA LEU A 28 2.11 -4.13 2.11
C LEU A 28 1.35 -4.80 0.98
N LYS A 29 1.69 -4.48 -0.24
CA LYS A 29 1.00 -5.11 -1.39
C LYS A 29 1.39 -6.59 -1.44
N LYS A 30 2.47 -6.97 -0.80
CA LYS A 30 2.87 -8.40 -0.81
C LYS A 30 2.04 -9.16 0.21
N ALA A 31 1.37 -8.45 1.07
CA ALA A 31 0.52 -9.14 2.08
C ALA A 31 -0.89 -9.21 1.50
N LEU A 32 -1.15 -8.42 0.50
CA LEU A 32 -2.48 -8.43 -0.14
C LEU A 32 -2.71 -9.72 -0.86
N ALA A 33 -1.71 -10.54 -0.95
CA ALA A 33 -1.92 -11.85 -1.60
C ALA A 33 -3.22 -12.45 -1.08
N ALA A 34 -3.68 -11.98 0.07
CA ALA A 34 -4.95 -12.50 0.66
C ALA A 34 -4.99 -14.02 0.46
N GLY A 35 -3.84 -14.62 0.39
CA GLY A 35 -3.80 -16.10 0.18
C GLY A 35 -3.92 -16.41 -1.31
N GLY A 36 -4.84 -15.77 -1.99
CA GLY A 36 -5.00 -16.02 -3.45
C GLY A 36 -4.31 -14.89 -4.21
N TYR A 37 -4.72 -13.67 -3.98
CA TYR A 37 -4.08 -12.51 -4.66
C TYR A 37 -2.57 -12.73 -4.65
N ASP A 38 -1.84 -12.14 -5.55
CA ASP A 38 -0.38 -12.34 -5.52
C ASP A 38 0.31 -11.13 -6.13
N VAL A 39 -0.36 -9.99 -6.20
CA VAL A 39 0.28 -8.80 -6.81
C VAL A 39 0.94 -9.26 -8.10
N GLU A 40 0.40 -10.31 -8.64
CA GLU A 40 0.91 -10.88 -9.90
C GLU A 40 -0.28 -11.12 -10.79
N LYS A 41 -0.99 -12.19 -10.56
CA LYS A 41 -2.23 -12.43 -11.34
C LYS A 41 -3.28 -11.45 -10.81
N ASN A 42 -2.95 -10.77 -9.73
CA ASN A 42 -3.89 -9.79 -9.15
C ASN A 42 -3.09 -8.49 -8.95
N ASN A 43 -1.97 -8.38 -9.62
CA ASN A 43 -1.14 -7.15 -9.49
C ASN A 43 -1.91 -5.99 -10.13
N SER A 44 -2.90 -6.30 -10.91
CA SER A 44 -3.69 -5.23 -11.56
C SER A 44 -4.63 -4.62 -10.54
N ARG A 45 -4.85 -5.26 -9.42
CA ARG A 45 -5.73 -4.64 -8.40
C ARG A 45 -4.90 -4.38 -7.14
N ILE A 46 -3.66 -4.80 -7.14
CA ILE A 46 -2.79 -4.57 -5.98
C ILE A 46 -1.98 -3.32 -6.21
N LYS A 47 -1.47 -3.16 -7.40
CA LYS A 47 -0.71 -1.93 -7.69
C LYS A 47 -1.71 -0.84 -8.09
N LEU A 48 -2.97 -1.13 -7.94
CA LEU A 48 -4.03 -0.17 -8.26
C LEU A 48 -4.71 0.14 -6.93
N GLY A 49 -5.01 -0.89 -6.18
CA GLY A 49 -5.60 -0.69 -4.84
C GLY A 49 -4.52 -0.12 -3.93
N LEU A 50 -3.27 -0.25 -4.34
CA LEU A 50 -2.16 0.30 -3.52
C LEU A 50 -1.83 1.69 -4.04
N LYS A 51 -1.58 1.81 -5.32
CA LYS A 51 -1.31 3.15 -5.88
C LYS A 51 -2.40 4.06 -5.34
N SER A 52 -3.52 3.47 -5.04
CA SER A 52 -4.65 4.23 -4.46
C SER A 52 -4.66 4.04 -2.95
N LEU A 53 -4.16 2.95 -2.40
CA LEU A 53 -4.19 2.87 -0.91
C LEU A 53 -3.21 3.91 -0.37
N VAL A 54 -1.94 3.73 -0.60
CA VAL A 54 -0.95 4.74 -0.14
C VAL A 54 -1.39 6.14 -0.57
N SER A 55 -1.69 6.32 -1.83
CA SER A 55 -2.08 7.68 -2.33
C SER A 55 -3.54 8.02 -1.97
N LYS A 56 -4.29 7.09 -1.48
CA LYS A 56 -5.71 7.43 -1.10
C LYS A 56 -5.67 8.44 0.02
N GLY A 57 -4.53 8.58 0.63
CA GLY A 57 -4.39 9.54 1.76
C GLY A 57 -4.31 8.75 3.07
N THR A 58 -4.58 7.46 3.02
CA THR A 58 -4.49 6.64 4.26
C THR A 58 -3.01 6.47 4.61
N LEU A 59 -2.26 5.94 3.68
CA LEU A 59 -0.83 5.73 3.90
C LEU A 59 -0.07 6.65 2.93
N VAL A 60 -0.13 7.93 3.16
CA VAL A 60 0.55 8.89 2.26
C VAL A 60 2.05 8.65 2.27
N GLN A 61 2.57 8.27 1.15
CA GLN A 61 4.02 8.02 1.05
C GLN A 61 4.71 9.25 0.47
N THR A 62 5.80 9.04 -0.24
CA THR A 62 6.60 10.15 -0.86
C THR A 62 7.90 10.30 -0.10
N LYS A 63 8.27 9.29 0.65
CA LYS A 63 9.55 9.34 1.42
C LYS A 63 9.81 10.77 1.93
N GLY A 64 8.79 11.51 2.23
CA GLY A 64 8.98 12.91 2.72
C GLY A 64 9.20 13.84 1.53
N THR A 65 10.33 13.75 0.89
CA THR A 65 10.60 14.64 -0.28
C THR A 65 9.53 14.41 -1.35
N GLY A 66 9.56 15.16 -2.41
CA GLY A 66 8.55 14.97 -3.50
C GLY A 66 9.06 13.95 -4.50
N ALA A 67 9.40 12.77 -4.06
CA ALA A 67 9.91 11.73 -4.99
C ALA A 67 8.86 10.61 -5.13
N SER A 68 7.99 10.48 -4.17
CA SER A 68 6.96 9.41 -4.25
C SER A 68 7.60 8.07 -3.91
N GLY A 69 7.38 7.56 -2.72
CA GLY A 69 7.99 6.25 -2.35
C GLY A 69 8.45 6.27 -0.89
N SER A 70 8.20 5.20 -0.18
CA SER A 70 8.62 5.06 1.26
C SER A 70 7.46 5.45 2.17
N PHE A 71 6.27 5.06 1.83
CA PHE A 71 5.07 5.39 2.66
C PHE A 71 5.41 5.25 4.14
N ARG A 72 5.18 6.29 4.89
CA ARG A 72 5.42 6.22 6.35
C ARG A 72 4.07 5.90 6.97
N LEU A 73 3.04 6.45 6.36
CA LEU A 73 1.63 6.24 6.79
C LEU A 73 1.05 7.56 7.27
N SER A 74 0.30 8.20 6.44
CA SER A 74 -0.30 9.48 6.85
C SER A 74 -1.79 9.48 6.51
N LYS A 75 -2.61 9.92 7.43
CA LYS A 75 -4.07 9.95 7.16
C LYS A 75 -4.65 11.29 7.61
N MET A 1 -17.33 3.93 -4.72
CA MET A 1 -16.15 4.42 -3.95
C MET A 1 -15.74 3.37 -2.93
N ALA A 2 -14.47 3.12 -2.79
CA ALA A 2 -14.00 2.10 -1.82
C ALA A 2 -14.42 0.70 -2.28
N GLY A 3 -13.47 -0.11 -2.68
CA GLY A 3 -13.82 -1.48 -3.14
C GLY A 3 -14.14 -2.36 -1.94
N PRO A 4 -14.47 -3.59 -2.21
CA PRO A 4 -14.80 -4.51 -1.09
C PRO A 4 -13.53 -5.17 -0.55
N SER A 5 -12.40 -4.85 -1.13
CA SER A 5 -11.12 -5.44 -0.63
C SER A 5 -10.02 -4.41 -0.82
N VAL A 6 -9.58 -4.19 -2.02
CA VAL A 6 -8.50 -3.18 -2.24
C VAL A 6 -8.93 -1.89 -1.55
N THR A 7 -8.44 -1.73 -0.36
CA THR A 7 -8.74 -0.58 0.52
C THR A 7 -8.74 -1.17 1.92
N GLU A 8 -9.61 -2.12 2.14
CA GLU A 8 -9.63 -2.82 3.44
C GLU A 8 -8.48 -3.85 3.43
N LEU A 9 -7.85 -4.01 2.29
CA LEU A 9 -6.72 -4.97 2.15
C LEU A 9 -5.41 -4.22 2.35
N ILE A 10 -5.18 -3.15 1.64
CA ILE A 10 -3.91 -2.41 1.82
C ILE A 10 -3.89 -1.85 3.23
N THR A 11 -4.87 -1.06 3.55
CA THR A 11 -4.96 -0.47 4.91
C THR A 11 -4.64 -1.54 5.95
N LYS A 12 -4.90 -2.78 5.66
CA LYS A 12 -4.60 -3.85 6.64
C LYS A 12 -3.09 -3.89 6.87
N ALA A 13 -2.34 -4.07 5.82
CA ALA A 13 -0.85 -4.10 5.96
C ALA A 13 -0.35 -2.71 6.34
N VAL A 14 -1.23 -1.73 6.31
CA VAL A 14 -0.82 -0.35 6.66
C VAL A 14 0.10 -0.37 7.90
N SER A 15 -0.22 -1.18 8.87
CA SER A 15 0.64 -1.25 10.08
C SER A 15 1.24 -2.65 10.21
N ALA A 16 0.48 -3.66 9.90
CA ALA A 16 1.00 -5.05 10.01
C ALA A 16 2.41 -5.10 9.42
N SER A 17 2.68 -4.28 8.44
CA SER A 17 4.04 -4.28 7.83
C SER A 17 4.68 -2.90 8.02
N LYS A 18 4.79 -2.46 9.25
CA LYS A 18 5.42 -1.13 9.50
C LYS A 18 6.93 -1.23 9.33
N GLU A 19 7.41 -1.19 8.13
CA GLU A 19 8.89 -1.29 7.90
C GLU A 19 9.57 -0.06 8.52
N ARG A 20 10.86 0.03 8.38
CA ARG A 20 11.59 1.20 8.96
C ARG A 20 11.46 2.40 8.01
N LYS A 21 10.68 2.27 6.98
CA LYS A 21 10.52 3.40 6.02
C LYS A 21 9.60 2.97 4.87
N GLY A 22 9.71 1.73 4.45
CA GLY A 22 8.85 1.25 3.34
C GLY A 22 9.58 1.41 2.01
N LEU A 23 8.95 1.08 0.92
CA LEU A 23 9.63 1.23 -0.40
C LEU A 23 8.65 1.83 -1.42
N SER A 24 8.98 1.78 -2.67
CA SER A 24 8.08 2.35 -3.72
C SER A 24 6.95 1.37 -4.05
N LEU A 25 5.93 1.32 -3.23
CA LEU A 25 4.80 0.40 -3.55
C LEU A 25 5.31 -1.02 -3.75
N ALA A 26 5.92 -1.59 -2.76
CA ALA A 26 6.42 -2.98 -2.90
C ALA A 26 6.68 -3.60 -1.52
N ALA A 27 6.10 -3.05 -0.50
CA ALA A 27 6.28 -3.61 0.87
C ALA A 27 4.90 -3.71 1.48
N LEU A 28 4.18 -2.63 1.46
CA LEU A 28 2.80 -2.63 2.01
C LEU A 28 1.99 -3.68 1.26
N LYS A 29 1.75 -3.42 0.00
CA LYS A 29 0.93 -4.36 -0.80
C LYS A 29 1.70 -5.67 -1.01
N LYS A 30 3.02 -5.64 -1.00
CA LYS A 30 3.78 -6.91 -1.14
C LYS A 30 3.52 -7.72 0.13
N ALA A 31 3.15 -7.04 1.18
CA ALA A 31 2.86 -7.70 2.47
C ALA A 31 1.35 -7.75 2.67
N LEU A 32 0.62 -7.04 1.85
CA LEU A 32 -0.85 -7.04 2.00
C LEU A 32 -1.39 -8.32 1.40
N ALA A 33 -0.58 -9.06 0.69
CA ALA A 33 -1.04 -10.36 0.14
C ALA A 33 -2.00 -11.00 1.15
N ALA A 34 -1.79 -10.74 2.42
CA ALA A 34 -2.70 -11.30 3.46
C ALA A 34 -2.94 -12.76 3.13
N GLY A 35 -1.98 -13.36 2.49
CA GLY A 35 -2.14 -14.79 2.09
C GLY A 35 -3.14 -14.86 0.95
N GLY A 36 -2.96 -14.06 -0.05
CA GLY A 36 -3.89 -14.04 -1.21
C GLY A 36 -3.38 -13.01 -2.23
N TYR A 37 -3.57 -11.74 -1.96
CA TYR A 37 -3.06 -10.71 -2.89
C TYR A 37 -1.63 -11.08 -3.25
N ASP A 38 -1.24 -11.01 -4.49
CA ASP A 38 0.15 -11.39 -4.79
C ASP A 38 0.87 -10.18 -5.35
N VAL A 39 0.20 -9.06 -5.46
CA VAL A 39 0.90 -7.90 -6.02
C VAL A 39 1.40 -8.36 -7.39
N GLU A 40 0.75 -9.39 -7.89
CA GLU A 40 1.10 -9.94 -9.22
C GLU A 40 -0.21 -10.09 -9.99
N LYS A 41 -0.97 -11.10 -9.70
CA LYS A 41 -2.28 -11.23 -10.37
C LYS A 41 -3.18 -10.16 -9.75
N ASN A 42 -2.73 -9.61 -8.64
CA ASN A 42 -3.48 -8.53 -7.95
C ASN A 42 -2.59 -7.28 -7.94
N ASN A 43 -1.48 -7.33 -8.63
CA ASN A 43 -0.55 -6.15 -8.66
C ASN A 43 -1.30 -4.98 -9.27
N SER A 44 -1.93 -5.19 -10.39
CA SER A 44 -2.68 -4.09 -11.03
C SER A 44 -3.92 -3.81 -10.19
N ARG A 45 -4.20 -4.63 -9.21
CA ARG A 45 -5.39 -4.37 -8.37
C ARG A 45 -4.89 -3.82 -7.03
N ILE A 46 -3.60 -3.85 -6.83
CA ILE A 46 -3.02 -3.32 -5.58
C ILE A 46 -2.52 -1.91 -5.84
N LYS A 47 -2.16 -1.61 -7.06
CA LYS A 47 -1.69 -0.24 -7.39
C LYS A 47 -2.88 0.71 -7.33
N LEU A 48 -4.05 0.18 -7.10
CA LEU A 48 -5.28 1.02 -6.99
C LEU A 48 -5.61 1.12 -5.50
N GLY A 49 -5.60 0.01 -4.83
CA GLY A 49 -5.86 0.04 -3.37
C GLY A 49 -4.62 0.63 -2.70
N LEU A 50 -3.56 0.76 -3.45
CA LEU A 50 -2.33 1.37 -2.90
C LEU A 50 -2.40 2.85 -3.21
N LYS A 51 -2.60 3.18 -4.46
CA LYS A 51 -2.75 4.60 -4.81
C LYS A 51 -3.91 5.11 -3.98
N SER A 52 -4.71 4.20 -3.48
CA SER A 52 -5.85 4.60 -2.64
C SER A 52 -5.43 4.56 -1.17
N LEU A 53 -4.53 3.69 -0.78
CA LEU A 53 -4.16 3.72 0.66
C LEU A 53 -3.01 4.71 0.87
N VAL A 54 -1.89 4.48 0.26
CA VAL A 54 -0.72 5.40 0.43
C VAL A 54 -1.00 6.78 -0.17
N SER A 55 -1.93 6.93 -1.08
CA SER A 55 -2.17 8.29 -1.65
C SER A 55 -3.37 8.97 -0.97
N LYS A 56 -4.45 8.24 -0.77
CA LYS A 56 -5.63 8.88 -0.11
C LYS A 56 -5.14 9.66 1.10
N GLY A 57 -4.12 9.17 1.73
CA GLY A 57 -3.57 9.85 2.92
C GLY A 57 -3.50 8.85 4.09
N THR A 58 -4.26 7.78 4.02
CA THR A 58 -4.19 6.78 5.11
C THR A 58 -2.72 6.48 5.32
N LEU A 59 -2.12 5.84 4.36
CA LEU A 59 -0.67 5.57 4.43
C LEU A 59 0.03 6.73 3.69
N VAL A 60 1.07 7.30 4.23
CA VAL A 60 1.71 8.44 3.53
C VAL A 60 3.13 8.11 3.09
N GLN A 61 3.28 7.73 1.85
CA GLN A 61 4.63 7.41 1.32
C GLN A 61 5.45 8.69 1.23
N THR A 62 6.43 8.74 0.37
CA THR A 62 7.26 9.98 0.24
C THR A 62 8.10 9.91 -1.04
N LYS A 63 7.50 9.52 -2.13
CA LYS A 63 8.26 9.44 -3.40
C LYS A 63 8.05 10.73 -4.20
N GLY A 64 8.87 11.72 -3.99
CA GLY A 64 8.71 12.99 -4.75
C GLY A 64 9.46 12.90 -6.08
N THR A 65 10.39 12.00 -6.19
CA THR A 65 11.15 11.87 -7.46
C THR A 65 10.97 10.46 -8.02
N GLY A 66 9.92 9.78 -7.62
CA GLY A 66 9.69 8.41 -8.12
C GLY A 66 10.92 7.55 -7.86
N ALA A 67 11.36 7.48 -6.63
CA ALA A 67 12.55 6.66 -6.30
C ALA A 67 12.40 6.04 -4.91
N SER A 68 11.47 5.14 -4.75
CA SER A 68 11.27 4.50 -3.42
C SER A 68 11.07 5.58 -2.36
N GLY A 69 9.84 5.96 -2.11
CA GLY A 69 9.57 7.01 -1.08
C GLY A 69 9.64 6.37 0.31
N SER A 70 8.52 6.21 0.96
CA SER A 70 8.53 5.60 2.32
C SER A 70 7.22 5.93 3.04
N PHE A 71 6.35 4.98 3.19
CA PHE A 71 5.06 5.25 3.88
C PHE A 71 5.24 4.99 5.38
N ARG A 72 4.98 5.98 6.19
CA ARG A 72 5.11 5.80 7.66
C ARG A 72 3.71 5.56 8.21
N LEU A 73 2.75 6.13 7.54
CA LEU A 73 1.31 5.99 7.91
C LEU A 73 0.79 7.31 8.46
N SER A 74 0.00 7.99 7.67
CA SER A 74 -0.57 9.28 8.10
C SER A 74 0.54 10.20 8.61
N LYS A 75 0.84 10.12 9.88
CA LYS A 75 1.91 11.00 10.44
C LYS A 75 3.16 10.15 10.73
N MET A 1 -17.70 1.88 -6.30
CA MET A 1 -18.08 1.33 -4.97
C MET A 1 -16.85 0.70 -4.31
N ALA A 2 -16.79 0.73 -3.01
CA ALA A 2 -15.61 0.13 -2.30
C ALA A 2 -15.61 -1.38 -2.48
N GLY A 3 -14.51 -2.02 -2.23
CA GLY A 3 -14.45 -3.50 -2.40
C GLY A 3 -13.90 -4.14 -1.11
N PRO A 4 -14.09 -5.42 -1.00
CA PRO A 4 -13.60 -6.12 0.21
C PRO A 4 -12.07 -6.10 0.24
N SER A 5 -11.44 -6.32 -0.88
CA SER A 5 -9.95 -6.31 -0.89
C SER A 5 -9.47 -4.97 -1.45
N VAL A 6 -8.18 -4.71 -1.41
CA VAL A 6 -7.66 -3.42 -1.92
C VAL A 6 -8.37 -2.31 -1.15
N THR A 7 -7.65 -1.57 -0.36
CA THR A 7 -8.25 -0.50 0.51
C THR A 7 -8.62 -1.19 1.83
N GLU A 8 -9.13 -2.40 1.75
CA GLU A 8 -9.43 -3.17 2.96
C GLU A 8 -8.29 -4.18 3.14
N LEU A 9 -7.41 -4.22 2.17
CA LEU A 9 -6.26 -5.17 2.21
C LEU A 9 -4.98 -4.38 2.54
N ILE A 10 -4.70 -3.34 1.80
CA ILE A 10 -3.48 -2.54 2.09
C ILE A 10 -3.65 -1.91 3.46
N THR A 11 -4.71 -1.17 3.62
CA THR A 11 -4.96 -0.50 4.91
C THR A 11 -4.93 -1.54 6.03
N LYS A 12 -5.33 -2.75 5.75
CA LYS A 12 -5.29 -3.80 6.79
C LYS A 12 -3.82 -3.96 7.20
N ALA A 13 -2.94 -3.98 6.24
CA ALA A 13 -1.49 -4.10 6.55
C ALA A 13 -0.95 -2.73 6.94
N VAL A 14 -1.75 -1.70 6.76
CA VAL A 14 -1.29 -0.33 7.12
C VAL A 14 -1.28 -0.18 8.64
N SER A 15 -2.13 -0.91 9.32
CA SER A 15 -2.17 -0.81 10.81
C SER A 15 -0.74 -0.76 11.36
N ALA A 16 0.16 -1.48 10.74
CA ALA A 16 1.57 -1.47 11.23
C ALA A 16 2.28 -0.22 10.70
N SER A 17 2.51 -0.16 9.42
CA SER A 17 3.19 1.02 8.82
C SER A 17 4.28 1.53 9.77
N LYS A 18 4.51 2.82 9.79
CA LYS A 18 5.56 3.37 10.70
C LYS A 18 6.85 2.55 10.56
N GLU A 19 7.64 2.84 9.57
CA GLU A 19 8.91 2.08 9.38
C GLU A 19 10.04 3.07 9.06
N ARG A 20 9.90 4.30 9.48
CA ARG A 20 10.96 5.31 9.21
C ARG A 20 11.17 5.43 7.68
N LYS A 21 10.25 4.92 6.91
CA LYS A 21 10.40 5.00 5.43
C LYS A 21 9.28 4.20 4.76
N GLY A 22 8.94 3.07 5.31
CA GLY A 22 7.86 2.24 4.70
C GLY A 22 8.43 0.90 4.24
N LEU A 23 7.95 0.38 3.15
CA LEU A 23 8.47 -0.94 2.65
C LEU A 23 8.80 -0.84 1.16
N SER A 24 8.59 0.30 0.56
CA SER A 24 8.91 0.49 -0.88
C SER A 24 7.75 -0.03 -1.76
N LEU A 25 6.55 -0.05 -1.25
CA LEU A 25 5.40 -0.52 -2.08
C LEU A 25 5.60 -2.00 -2.43
N ALA A 26 6.57 -2.64 -1.86
CA ALA A 26 6.80 -4.08 -2.18
C ALA A 26 6.66 -4.92 -0.91
N ALA A 27 5.90 -4.44 0.04
CA ALA A 27 5.70 -5.21 1.30
C ALA A 27 4.25 -5.02 1.74
N LEU A 28 3.86 -3.81 2.04
CA LEU A 28 2.44 -3.58 2.45
C LEU A 28 1.53 -4.13 1.36
N LYS A 29 1.94 -4.03 0.12
CA LYS A 29 1.10 -4.55 -0.98
C LYS A 29 1.66 -5.90 -1.42
N LYS A 30 2.82 -6.27 -0.89
CA LYS A 30 3.42 -7.58 -1.23
C LYS A 30 3.10 -8.54 -0.09
N ALA A 31 2.40 -8.07 0.92
CA ALA A 31 2.03 -8.94 2.06
C ALA A 31 0.63 -9.45 1.77
N LEU A 32 -0.14 -8.65 1.09
CA LEU A 32 -1.51 -9.06 0.72
C LEU A 32 -1.39 -10.08 -0.39
N ALA A 33 -0.41 -9.91 -1.25
CA ALA A 33 -0.20 -10.86 -2.34
C ALA A 33 0.61 -12.05 -1.81
N ALA A 34 0.63 -12.23 -0.51
CA ALA A 34 1.39 -13.36 0.08
C ALA A 34 1.17 -14.61 -0.77
N GLY A 35 0.06 -14.71 -1.45
CA GLY A 35 -0.20 -15.91 -2.29
C GLY A 35 -1.01 -15.53 -3.53
N GLY A 36 -0.70 -14.43 -4.17
CA GLY A 36 -1.46 -14.02 -5.38
C GLY A 36 -2.83 -13.53 -4.96
N TYR A 37 -2.91 -12.32 -4.48
CA TYR A 37 -4.24 -11.81 -4.03
C TYR A 37 -4.76 -10.72 -4.98
N ASP A 38 -3.92 -10.30 -5.89
CA ASP A 38 -4.31 -9.24 -6.90
C ASP A 38 -3.18 -8.21 -7.08
N VAL A 39 -2.00 -8.54 -6.65
CA VAL A 39 -0.85 -7.64 -6.81
C VAL A 39 0.20 -8.47 -7.54
N GLU A 40 0.49 -9.63 -7.01
CA GLU A 40 1.45 -10.53 -7.69
C GLU A 40 0.66 -11.29 -8.74
N LYS A 41 -0.63 -11.33 -8.59
CA LYS A 41 -1.49 -12.04 -9.56
C LYS A 41 -2.27 -11.00 -10.37
N ASN A 42 -2.68 -9.94 -9.73
CA ASN A 42 -3.44 -8.89 -10.45
C ASN A 42 -2.74 -7.56 -10.24
N ASN A 43 -1.42 -7.62 -10.18
CA ASN A 43 -0.57 -6.41 -9.96
C ASN A 43 -1.24 -5.13 -10.46
N SER A 44 -2.00 -5.20 -11.51
CA SER A 44 -2.65 -3.96 -12.01
C SER A 44 -3.82 -3.56 -11.11
N ARG A 45 -3.88 -4.02 -9.89
CA ARG A 45 -5.00 -3.58 -9.03
C ARG A 45 -4.43 -3.00 -7.75
N ILE A 46 -3.36 -3.56 -7.26
CA ILE A 46 -2.74 -3.03 -6.03
C ILE A 46 -2.10 -1.67 -6.33
N LYS A 47 -1.50 -1.53 -7.49
CA LYS A 47 -0.86 -0.22 -7.84
C LYS A 47 -1.97 0.82 -8.01
N LEU A 48 -3.19 0.40 -7.98
CA LEU A 48 -4.34 1.34 -8.13
C LEU A 48 -4.90 1.59 -6.73
N GLY A 49 -5.07 0.55 -5.98
CA GLY A 49 -5.57 0.69 -4.59
C GLY A 49 -4.38 0.99 -3.70
N LEU A 50 -3.20 1.04 -4.28
CA LEU A 50 -2.00 1.38 -3.48
C LEU A 50 -1.77 2.86 -3.63
N LYS A 51 -1.49 3.30 -4.83
CA LYS A 51 -1.32 4.76 -5.02
C LYS A 51 -2.55 5.42 -4.39
N SER A 52 -3.61 4.67 -4.25
CA SER A 52 -4.84 5.20 -3.62
C SER A 52 -4.74 5.02 -2.12
N LEU A 53 -4.21 3.93 -1.61
CA LEU A 53 -4.10 3.85 -0.14
C LEU A 53 -3.07 4.88 0.29
N VAL A 54 -1.87 4.71 -0.17
CA VAL A 54 -0.76 5.64 0.15
C VAL A 54 -1.11 7.12 -0.18
N SER A 55 -1.63 7.38 -1.35
CA SER A 55 -1.92 8.81 -1.72
C SER A 55 -3.25 9.31 -1.14
N LYS A 56 -4.30 8.53 -1.20
CA LYS A 56 -5.63 8.99 -0.66
C LYS A 56 -5.41 9.86 0.58
N GLY A 57 -4.40 9.55 1.32
CA GLY A 57 -4.11 10.35 2.54
C GLY A 57 -4.01 9.42 3.75
N THR A 58 -4.57 8.24 3.66
CA THR A 58 -4.49 7.30 4.80
C THR A 58 -3.00 7.05 5.06
N LEU A 59 -2.35 6.42 4.13
CA LEU A 59 -0.90 6.14 4.26
C LEU A 59 -0.11 7.14 3.42
N VAL A 60 -0.17 8.40 3.76
CA VAL A 60 0.55 9.43 2.97
C VAL A 60 2.07 9.23 3.04
N GLN A 61 2.68 9.03 1.91
CA GLN A 61 4.16 8.83 1.86
C GLN A 61 4.81 10.08 1.26
N THR A 62 5.84 9.91 0.47
CA THR A 62 6.50 11.10 -0.14
C THR A 62 7.32 10.68 -1.37
N LYS A 63 6.68 10.51 -2.49
CA LYS A 63 7.42 10.11 -3.72
C LYS A 63 8.56 11.10 -3.97
N GLY A 64 9.72 10.83 -3.41
CA GLY A 64 10.87 11.76 -3.61
C GLY A 64 12.16 11.05 -3.23
N THR A 65 12.19 9.75 -3.31
CA THR A 65 13.43 9.00 -2.95
C THR A 65 13.38 7.61 -3.56
N GLY A 66 14.45 7.17 -4.17
CA GLY A 66 14.44 5.82 -4.81
C GLY A 66 13.24 5.72 -5.74
N ALA A 67 12.71 6.84 -6.15
CA ALA A 67 11.54 6.81 -7.07
C ALA A 67 10.38 6.07 -6.40
N SER A 68 9.87 6.61 -5.32
CA SER A 68 8.74 5.93 -4.62
C SER A 68 8.28 6.78 -3.43
N GLY A 69 9.19 7.08 -2.53
CA GLY A 69 8.80 7.90 -1.34
C GLY A 69 8.81 7.00 -0.10
N SER A 70 8.27 7.46 0.99
CA SER A 70 8.28 6.60 2.22
C SER A 70 6.96 6.73 2.98
N PHE A 71 5.99 5.90 2.67
CA PHE A 71 4.69 5.98 3.40
C PHE A 71 4.94 5.69 4.88
N ARG A 72 4.87 6.70 5.70
CA ARG A 72 5.07 6.48 7.15
C ARG A 72 3.70 6.28 7.76
N LEU A 73 2.72 6.89 7.13
CA LEU A 73 1.30 6.79 7.56
C LEU A 73 0.80 8.15 8.05
N SER A 74 -0.01 8.78 7.26
CA SER A 74 -0.55 10.10 7.65
C SER A 74 0.58 11.02 8.08
N LYS A 75 0.90 11.03 9.35
CA LYS A 75 1.99 11.91 9.86
C LYS A 75 1.45 13.34 10.05
N MET A 1 -14.13 -1.56 -7.29
CA MET A 1 -14.22 -0.38 -6.39
C MET A 1 -13.71 -0.75 -4.99
N ALA A 2 -13.77 -2.01 -4.64
CA ALA A 2 -13.29 -2.43 -3.30
C ALA A 2 -14.05 -1.66 -2.22
N GLY A 3 -13.53 -1.63 -1.02
CA GLY A 3 -14.23 -0.90 0.07
C GLY A 3 -13.67 -1.35 1.43
N PRO A 4 -13.68 -2.63 1.65
CA PRO A 4 -13.16 -3.14 2.94
C PRO A 4 -11.89 -3.98 2.70
N SER A 5 -11.43 -4.05 1.48
CA SER A 5 -10.21 -4.85 1.20
C SER A 5 -9.28 -4.02 0.30
N VAL A 6 -8.14 -4.57 -0.05
CA VAL A 6 -7.17 -3.83 -0.91
C VAL A 6 -7.19 -2.35 -0.55
N THR A 7 -7.35 -2.10 0.71
CA THR A 7 -7.39 -0.73 1.27
C THR A 7 -7.19 -0.93 2.77
N GLU A 8 -7.92 -1.86 3.31
CA GLU A 8 -7.75 -2.21 4.74
C GLU A 8 -6.63 -3.26 4.77
N LEU A 9 -6.51 -4.00 3.69
CA LEU A 9 -5.44 -5.02 3.58
C LEU A 9 -4.09 -4.32 3.54
N ILE A 10 -3.93 -3.36 2.67
CA ILE A 10 -2.64 -2.63 2.59
C ILE A 10 -2.44 -1.93 3.92
N THR A 11 -3.46 -1.27 4.38
CA THR A 11 -3.37 -0.56 5.67
C THR A 11 -3.13 -1.60 6.77
N LYS A 12 -3.43 -2.84 6.51
CA LYS A 12 -3.17 -3.90 7.52
C LYS A 12 -1.67 -4.18 7.51
N ALA A 13 -1.06 -4.06 6.36
CA ALA A 13 0.41 -4.26 6.25
C ALA A 13 1.10 -2.91 6.46
N VAL A 14 0.37 -1.96 7.01
CA VAL A 14 0.95 -0.62 7.24
C VAL A 14 1.85 -0.69 8.48
N SER A 15 1.61 -1.65 9.33
CA SER A 15 2.44 -1.79 10.55
C SER A 15 3.87 -2.14 10.14
N ALA A 16 4.04 -2.67 8.97
CA ALA A 16 5.40 -3.02 8.48
C ALA A 16 6.29 -1.80 8.62
N SER A 17 5.69 -0.63 8.68
CA SER A 17 6.49 0.63 8.81
C SER A 17 7.68 0.39 9.75
N LYS A 18 8.84 0.21 9.18
CA LYS A 18 10.05 -0.03 10.02
C LYS A 18 11.31 0.23 9.19
N GLU A 19 11.24 1.15 8.26
CA GLU A 19 12.43 1.44 7.42
C GLU A 19 12.46 2.94 7.08
N ARG A 20 11.82 3.74 7.89
CA ARG A 20 11.81 5.21 7.61
C ARG A 20 10.87 5.52 6.46
N LYS A 21 9.98 4.64 6.15
CA LYS A 21 9.04 4.88 5.03
C LYS A 21 7.90 3.85 5.04
N GLY A 22 8.23 2.59 5.26
CA GLY A 22 7.17 1.55 5.28
C GLY A 22 7.06 0.90 3.90
N LEU A 23 8.06 0.16 3.51
CA LEU A 23 8.00 -0.50 2.16
C LEU A 23 8.15 0.57 1.08
N SER A 24 8.01 0.20 -0.16
CA SER A 24 8.14 1.20 -1.25
C SER A 24 7.20 0.87 -2.40
N LEU A 25 5.91 0.96 -2.17
CA LEU A 25 4.95 0.65 -3.27
C LEU A 25 5.30 -0.72 -3.85
N ALA A 26 5.91 -1.56 -3.06
CA ALA A 26 6.29 -2.91 -3.56
C ALA A 26 5.96 -3.97 -2.51
N ALA A 27 6.75 -4.07 -1.48
CA ALA A 27 6.48 -5.08 -0.42
C ALA A 27 5.05 -4.93 0.10
N LEU A 28 4.67 -3.73 0.50
CA LEU A 28 3.29 -3.53 1.00
C LEU A 28 2.32 -4.26 0.09
N LYS A 29 2.27 -3.88 -1.15
CA LYS A 29 1.31 -4.51 -2.09
C LYS A 29 1.59 -6.02 -2.20
N LYS A 30 2.81 -6.45 -1.99
CA LYS A 30 3.12 -7.90 -2.12
C LYS A 30 2.80 -8.62 -0.81
N ALA A 31 2.12 -7.97 0.08
CA ALA A 31 1.74 -8.61 1.37
C ALA A 31 0.25 -8.95 1.32
N LEU A 32 -0.50 -8.16 0.59
CA LEU A 32 -1.96 -8.40 0.45
C LEU A 32 -2.15 -9.66 -0.36
N ALA A 33 -1.15 -10.03 -1.09
CA ALA A 33 -1.21 -11.26 -1.92
C ALA A 33 -0.87 -12.49 -1.07
N ALA A 34 -1.24 -12.48 0.19
CA ALA A 34 -0.92 -13.65 1.07
C ALA A 34 -2.22 -14.22 1.65
N GLY A 35 -3.29 -14.18 0.91
CA GLY A 35 -4.57 -14.72 1.42
C GLY A 35 -5.72 -14.22 0.56
N GLY A 36 -5.95 -14.83 -0.57
CA GLY A 36 -7.04 -14.36 -1.47
C GLY A 36 -6.54 -13.11 -2.18
N TYR A 37 -5.48 -13.25 -2.93
CA TYR A 37 -4.90 -12.07 -3.62
C TYR A 37 -3.47 -12.42 -4.03
N ASP A 38 -3.00 -11.99 -5.17
CA ASP A 38 -1.62 -12.34 -5.53
C ASP A 38 -0.94 -11.13 -6.17
N VAL A 39 -1.55 -9.95 -6.10
CA VAL A 39 -0.95 -8.77 -6.74
C VAL A 39 -0.51 -9.22 -8.13
N GLU A 40 -1.21 -10.22 -8.62
CA GLU A 40 -0.94 -10.79 -9.95
C GLU A 40 -2.31 -10.99 -10.59
N LYS A 41 -2.99 -12.02 -10.19
CA LYS A 41 -4.36 -12.22 -10.72
C LYS A 41 -5.23 -11.14 -10.05
N ASN A 42 -4.67 -10.47 -9.07
CA ASN A 42 -5.39 -9.39 -8.37
C ASN A 42 -4.46 -8.18 -8.33
N ASN A 43 -3.49 -8.15 -9.21
CA ASN A 43 -2.53 -7.01 -9.24
C ASN A 43 -3.29 -5.76 -9.68
N SER A 44 -4.28 -5.92 -10.49
CA SER A 44 -5.05 -4.75 -10.96
C SER A 44 -5.82 -4.15 -9.79
N ARG A 45 -5.82 -4.80 -8.65
CA ARG A 45 -6.55 -4.22 -7.51
C ARG A 45 -5.55 -3.82 -6.42
N ILE A 46 -4.34 -4.29 -6.51
CA ILE A 46 -3.33 -3.93 -5.49
C ILE A 46 -2.57 -2.68 -5.94
N LYS A 47 -2.18 -2.62 -7.19
CA LYS A 47 -1.45 -1.42 -7.67
C LYS A 47 -2.44 -0.26 -7.81
N LEU A 48 -3.69 -0.51 -7.53
CA LEU A 48 -4.72 0.56 -7.60
C LEU A 48 -5.12 0.84 -6.17
N GLY A 49 -5.32 -0.20 -5.40
CA GLY A 49 -5.64 -0.03 -3.98
C GLY A 49 -4.37 0.48 -3.30
N LEU A 50 -3.25 0.41 -4.00
CA LEU A 50 -1.99 0.93 -3.41
C LEU A 50 -1.70 2.29 -3.99
N LYS A 51 -1.59 2.39 -5.28
CA LYS A 51 -1.37 3.73 -5.88
C LYS A 51 -2.44 4.63 -5.28
N SER A 52 -3.51 4.02 -4.86
CA SER A 52 -4.60 4.78 -4.22
C SER A 52 -4.35 4.76 -2.71
N LEU A 53 -3.81 3.72 -2.14
CA LEU A 53 -3.56 3.77 -0.68
C LEU A 53 -2.43 4.77 -0.43
N VAL A 54 -1.25 4.45 -0.87
CA VAL A 54 -0.09 5.37 -0.69
C VAL A 54 -0.28 6.70 -1.46
N SER A 55 -1.39 6.91 -2.13
CA SER A 55 -1.52 8.21 -2.86
C SER A 55 -2.94 8.80 -2.75
N LYS A 56 -3.82 8.21 -2.00
CA LYS A 56 -5.19 8.80 -1.88
C LYS A 56 -5.29 9.58 -0.58
N GLY A 57 -4.52 9.21 0.40
CA GLY A 57 -4.57 9.93 1.69
C GLY A 57 -4.47 8.96 2.86
N THR A 58 -4.57 7.68 2.61
CA THR A 58 -4.46 6.72 3.73
C THR A 58 -2.98 6.67 4.06
N LEU A 59 -2.23 6.09 3.19
CA LEU A 59 -0.77 6.04 3.40
C LEU A 59 -0.18 7.39 2.98
N VAL A 60 0.37 8.14 3.91
CA VAL A 60 0.93 9.46 3.56
C VAL A 60 2.40 9.35 3.17
N GLN A 61 2.66 9.10 1.92
CA GLN A 61 4.08 8.99 1.45
C GLN A 61 4.62 10.39 1.16
N THR A 62 5.84 10.66 1.54
CA THR A 62 6.41 12.01 1.29
C THR A 62 7.33 11.97 0.06
N LYS A 63 6.77 11.86 -1.11
CA LYS A 63 7.60 11.83 -2.34
C LYS A 63 7.86 13.27 -2.81
N GLY A 64 8.86 13.90 -2.26
CA GLY A 64 9.16 15.30 -2.68
C GLY A 64 10.61 15.40 -3.16
N THR A 65 11.55 15.25 -2.26
CA THR A 65 12.98 15.34 -2.66
C THR A 65 13.51 13.95 -3.00
N GLY A 66 14.20 13.82 -4.09
CA GLY A 66 14.74 12.49 -4.48
C GLY A 66 13.65 11.43 -4.36
N ALA A 67 12.41 11.84 -4.42
CA ALA A 67 11.29 10.85 -4.32
C ALA A 67 11.59 9.84 -3.21
N SER A 68 11.75 10.28 -2.00
CA SER A 68 12.04 9.34 -0.88
C SER A 68 10.75 8.63 -0.47
N GLY A 69 9.64 9.33 -0.49
CA GLY A 69 8.34 8.70 -0.10
C GLY A 69 8.42 8.22 1.35
N SER A 70 7.33 7.75 1.88
CA SER A 70 7.31 7.26 3.28
C SER A 70 5.87 7.12 3.77
N PHE A 71 5.26 5.99 3.52
CA PHE A 71 3.85 5.80 3.97
C PHE A 71 3.82 5.58 5.48
N ARG A 72 3.34 6.54 6.20
CA ARG A 72 3.22 6.41 7.68
C ARG A 72 1.73 6.27 8.00
N LEU A 73 0.93 6.23 6.98
CA LEU A 73 -0.54 6.12 7.12
C LEU A 73 -1.13 7.52 7.11
N SER A 74 -2.29 7.69 7.66
CA SER A 74 -2.90 9.05 7.63
C SER A 74 -2.13 9.98 8.56
N LYS A 75 -2.02 9.64 9.82
CA LYS A 75 -1.28 10.52 10.77
C LYS A 75 0.11 9.91 11.04
N MET A 1 -6.38 12.26 9.66
CA MET A 1 -7.16 11.95 8.43
C MET A 1 -6.23 11.32 7.38
N ALA A 2 -6.77 10.55 6.48
CA ALA A 2 -5.93 9.90 5.44
C ALA A 2 -5.60 10.92 4.35
N GLY A 3 -4.41 10.86 3.80
CA GLY A 3 -4.02 11.81 2.73
C GLY A 3 -2.51 11.72 2.51
N PRO A 4 -1.94 12.82 2.10
CA PRO A 4 -0.47 12.79 1.88
C PRO A 4 0.21 12.13 3.08
N SER A 5 0.47 10.86 2.99
CA SER A 5 1.12 10.16 4.13
C SER A 5 0.98 8.65 3.94
N VAL A 6 1.76 8.09 3.06
CA VAL A 6 1.71 6.63 2.83
C VAL A 6 0.26 6.15 2.80
N THR A 7 -0.63 6.98 2.36
CA THR A 7 -2.06 6.63 2.27
C THR A 7 -2.55 7.22 0.95
N GLU A 8 -2.25 8.48 0.74
CA GLU A 8 -2.59 9.12 -0.55
C GLU A 8 -1.38 8.87 -1.45
N LEU A 9 -0.25 8.63 -0.84
CA LEU A 9 1.01 8.33 -1.58
C LEU A 9 0.90 6.89 -2.10
N ILE A 10 0.49 5.99 -1.24
CA ILE A 10 0.33 4.58 -1.64
C ILE A 10 -0.77 4.49 -2.68
N THR A 11 -1.89 5.08 -2.39
CA THR A 11 -3.02 5.06 -3.35
C THR A 11 -2.58 5.79 -4.61
N LYS A 12 -1.72 6.76 -4.46
CA LYS A 12 -1.21 7.50 -5.64
C LYS A 12 -0.18 6.59 -6.34
N ALA A 13 0.35 5.64 -5.61
CA ALA A 13 1.33 4.70 -6.18
C ALA A 13 0.64 3.35 -6.44
N VAL A 14 -0.63 3.26 -6.13
CA VAL A 14 -1.36 2.00 -6.39
C VAL A 14 -1.00 1.50 -7.78
N SER A 15 -0.59 2.39 -8.63
CA SER A 15 -0.23 2.02 -10.04
C SER A 15 -1.52 1.99 -10.84
N ALA A 16 -2.42 2.86 -10.50
CA ALA A 16 -3.72 2.90 -11.22
C ALA A 16 -4.42 1.56 -11.02
N SER A 17 -3.98 0.80 -10.06
CA SER A 17 -4.60 -0.52 -9.79
C SER A 17 -4.39 -1.43 -11.01
N LYS A 18 -3.26 -2.10 -11.06
CA LYS A 18 -2.98 -3.00 -12.20
C LYS A 18 -3.82 -4.27 -12.08
N GLU A 19 -4.36 -4.53 -10.92
CA GLU A 19 -5.19 -5.75 -10.75
C GLU A 19 -4.35 -6.98 -11.10
N ARG A 20 -4.96 -7.98 -11.70
CA ARG A 20 -4.19 -9.20 -12.05
C ARG A 20 -3.51 -9.73 -10.80
N LYS A 21 -4.16 -9.62 -9.68
CA LYS A 21 -3.56 -10.10 -8.41
C LYS A 21 -2.42 -9.17 -8.03
N GLY A 22 -2.73 -7.92 -7.75
CA GLY A 22 -1.69 -6.92 -7.37
C GLY A 22 -0.49 -7.60 -6.70
N LEU A 23 0.69 -7.09 -6.94
CA LEU A 23 1.93 -7.69 -6.34
C LEU A 23 1.65 -8.27 -4.95
N SER A 24 1.95 -7.54 -3.91
CA SER A 24 1.70 -8.07 -2.54
C SER A 24 2.47 -7.20 -1.53
N LEU A 25 2.12 -5.94 -1.44
CA LEU A 25 2.84 -5.04 -0.49
C LEU A 25 4.30 -4.92 -0.94
N ALA A 26 4.61 -5.39 -2.13
CA ALA A 26 6.00 -5.31 -2.63
C ALA A 26 6.12 -4.11 -3.58
N ALA A 27 5.07 -3.35 -3.71
CA ALA A 27 5.11 -2.17 -4.61
C ALA A 27 4.96 -0.91 -3.77
N LEU A 28 3.78 -0.64 -3.28
CA LEU A 28 3.61 0.58 -2.44
C LEU A 28 4.50 0.43 -1.23
N LYS A 29 4.31 -0.60 -0.48
CA LYS A 29 5.14 -0.77 0.73
C LYS A 29 6.63 -0.86 0.34
N LYS A 30 6.93 -0.92 -0.93
CA LYS A 30 8.35 -0.98 -1.37
C LYS A 30 8.58 0.12 -2.41
N ALA A 31 7.69 1.08 -2.45
CA ALA A 31 7.79 2.21 -3.42
C ALA A 31 7.49 3.56 -2.74
N LEU A 32 6.85 3.57 -1.58
CA LEU A 32 6.59 4.86 -0.90
C LEU A 32 7.89 5.44 -0.48
N ALA A 33 8.90 4.64 -0.57
CA ALA A 33 10.26 5.12 -0.24
C ALA A 33 10.41 6.54 -0.82
N ALA A 34 9.64 6.86 -1.85
CA ALA A 34 9.70 8.21 -2.47
C ALA A 34 11.15 8.67 -2.52
N GLY A 35 12.05 7.74 -2.60
CA GLY A 35 13.50 8.11 -2.65
C GLY A 35 14.01 8.27 -1.21
N GLY A 36 13.46 9.21 -0.48
CA GLY A 36 13.90 9.39 0.94
C GLY A 36 13.24 8.30 1.76
N TYR A 37 11.93 8.28 1.75
CA TYR A 37 11.20 7.22 2.47
C TYR A 37 11.86 5.89 2.14
N ASP A 38 11.87 4.94 3.01
CA ASP A 38 12.50 3.65 2.65
C ASP A 38 11.77 2.52 3.34
N VAL A 39 10.56 2.75 3.82
CA VAL A 39 9.84 1.67 4.50
C VAL A 39 10.78 1.09 5.54
N GLU A 40 11.72 1.89 5.95
CA GLU A 40 12.69 1.47 6.96
C GLU A 40 12.70 2.52 8.07
N LYS A 41 13.33 3.64 7.84
CA LYS A 41 13.32 4.70 8.87
C LYS A 41 11.90 5.28 8.91
N ASN A 42 11.09 4.97 7.92
CA ASN A 42 9.67 5.42 7.91
C ASN A 42 8.84 4.17 7.66
N ASN A 43 9.36 3.04 8.08
CA ASN A 43 8.63 1.75 7.89
C ASN A 43 7.37 1.77 8.73
N SER A 44 7.33 2.66 9.68
CA SER A 44 6.12 2.74 10.54
C SER A 44 4.98 3.36 9.74
N ARG A 45 5.23 3.74 8.51
CA ARG A 45 4.14 4.32 7.70
C ARG A 45 3.88 3.36 6.54
N ILE A 46 4.84 2.53 6.22
CA ILE A 46 4.62 1.56 5.13
C ILE A 46 3.93 0.32 5.68
N LYS A 47 4.47 -0.31 6.69
CA LYS A 47 3.79 -1.53 7.22
C LYS A 47 2.75 -1.12 8.27
N LEU A 48 2.47 0.14 8.32
CA LEU A 48 1.44 0.65 9.27
C LEU A 48 0.47 1.46 8.43
N GLY A 49 0.99 2.33 7.60
CA GLY A 49 0.13 3.13 6.71
C GLY A 49 -0.38 2.20 5.60
N LEU A 50 0.41 1.22 5.21
CA LEU A 50 -0.03 0.24 4.17
C LEU A 50 -0.74 -0.91 4.85
N LYS A 51 -0.19 -1.41 5.93
CA LYS A 51 -0.91 -2.47 6.66
C LYS A 51 -2.29 -1.89 6.96
N SER A 52 -2.36 -0.57 6.99
CA SER A 52 -3.64 0.13 7.23
C SER A 52 -4.16 0.66 5.89
N LEU A 53 -3.32 0.79 4.89
CA LEU A 53 -3.84 1.28 3.58
C LEU A 53 -4.62 0.12 2.96
N VAL A 54 -3.93 -0.88 2.53
CA VAL A 54 -4.61 -2.06 1.92
C VAL A 54 -5.68 -2.62 2.87
N SER A 55 -5.43 -2.65 4.15
CA SER A 55 -6.42 -3.23 5.10
C SER A 55 -7.57 -2.25 5.41
N LYS A 56 -7.26 -1.07 5.88
CA LYS A 56 -8.34 -0.09 6.23
C LYS A 56 -9.46 -0.15 5.20
N GLY A 57 -9.14 -0.04 3.95
CA GLY A 57 -10.21 -0.09 2.92
C GLY A 57 -9.81 0.73 1.69
N THR A 58 -8.88 1.64 1.83
CA THR A 58 -8.46 2.42 0.64
C THR A 58 -8.08 1.44 -0.45
N LEU A 59 -7.02 0.72 -0.24
CA LEU A 59 -6.59 -0.28 -1.24
C LEU A 59 -7.11 -1.67 -0.84
N VAL A 60 -8.40 -1.87 -0.94
CA VAL A 60 -8.98 -3.18 -0.52
C VAL A 60 -8.41 -4.34 -1.36
N GLN A 61 -7.86 -5.32 -0.69
CA GLN A 61 -7.29 -6.51 -1.40
C GLN A 61 -8.20 -7.71 -1.14
N THR A 62 -8.33 -8.59 -2.10
CA THR A 62 -9.21 -9.77 -1.90
C THR A 62 -8.45 -11.06 -2.20
N LYS A 63 -7.38 -11.31 -1.50
CA LYS A 63 -6.62 -12.57 -1.76
C LYS A 63 -6.04 -13.09 -0.43
N GLY A 64 -6.89 -13.58 0.43
CA GLY A 64 -6.39 -14.11 1.74
C GLY A 64 -5.36 -15.20 1.49
N THR A 65 -5.71 -16.43 1.77
CA THR A 65 -4.74 -17.55 1.54
C THR A 65 -3.54 -17.37 2.47
N GLY A 66 -3.67 -16.55 3.49
CA GLY A 66 -2.54 -16.34 4.42
C GLY A 66 -1.35 -15.74 3.67
N ALA A 67 -1.60 -15.14 2.54
CA ALA A 67 -0.49 -14.53 1.75
C ALA A 67 -0.52 -13.02 1.91
N SER A 68 -1.66 -12.41 1.69
CA SER A 68 -1.75 -10.93 1.83
C SER A 68 -3.07 -10.43 1.23
N GLY A 69 -3.26 -10.59 -0.06
CA GLY A 69 -4.52 -10.11 -0.69
C GLY A 69 -4.19 -9.47 -2.04
N SER A 70 -5.15 -9.41 -2.93
CA SER A 70 -4.88 -8.78 -4.26
C SER A 70 -5.43 -7.35 -4.25
N PHE A 71 -4.73 -6.46 -3.61
CA PHE A 71 -5.22 -5.04 -3.54
C PHE A 71 -5.50 -4.52 -4.95
N ARG A 72 -6.76 -4.36 -5.29
CA ARG A 72 -7.13 -3.82 -6.62
C ARG A 72 -7.37 -2.33 -6.44
N LEU A 73 -7.74 -1.96 -5.24
CA LEU A 73 -8.00 -0.54 -4.88
C LEU A 73 -9.49 -0.23 -4.83
N SER A 74 -9.98 -0.04 -3.64
CA SER A 74 -11.41 0.28 -3.44
C SER A 74 -12.29 -0.71 -4.20
N LYS A 75 -13.46 -0.28 -4.61
CA LYS A 75 -14.38 -1.19 -5.36
C LYS A 75 -13.85 -1.40 -6.77
N MET A 1 -14.02 3.36 -4.59
CA MET A 1 -15.07 2.31 -4.79
C MET A 1 -15.36 1.62 -3.47
N ALA A 2 -14.36 1.43 -2.64
CA ALA A 2 -14.59 0.76 -1.33
C ALA A 2 -14.98 -0.70 -1.57
N GLY A 3 -14.04 -1.59 -1.47
CA GLY A 3 -14.35 -3.03 -1.69
C GLY A 3 -13.88 -3.85 -0.48
N PRO A 4 -13.81 -5.14 -0.66
CA PRO A 4 -13.35 -5.97 0.48
C PRO A 4 -11.85 -5.81 0.67
N SER A 5 -11.06 -6.65 0.06
CA SER A 5 -9.58 -6.52 0.21
C SER A 5 -9.11 -5.19 -0.36
N VAL A 6 -7.82 -4.97 -0.44
CA VAL A 6 -7.30 -3.68 -1.00
C VAL A 6 -8.13 -2.53 -0.41
N THR A 7 -7.67 -2.00 0.70
CA THR A 7 -8.36 -0.90 1.46
C THR A 7 -8.54 -1.46 2.86
N GLU A 8 -8.93 -2.70 2.91
CA GLU A 8 -9.05 -3.42 4.20
C GLU A 8 -7.79 -4.28 4.33
N LEU A 9 -7.03 -4.36 3.26
CA LEU A 9 -5.78 -5.16 3.25
C LEU A 9 -4.57 -4.23 3.33
N ILE A 10 -4.68 -3.06 2.75
CA ILE A 10 -3.54 -2.10 2.78
C ILE A 10 -3.38 -1.55 4.18
N THR A 11 -4.40 -0.89 4.65
CA THR A 11 -4.38 -0.29 5.99
C THR A 11 -4.28 -1.41 7.03
N LYS A 12 -4.86 -2.55 6.77
CA LYS A 12 -4.75 -3.67 7.74
C LYS A 12 -3.26 -4.02 7.83
N ALA A 13 -2.55 -3.75 6.76
CA ALA A 13 -1.09 -4.04 6.74
C ALA A 13 -0.34 -2.76 7.13
N VAL A 14 -1.01 -1.64 7.13
CA VAL A 14 -0.33 -0.37 7.52
C VAL A 14 0.02 -0.40 9.00
N SER A 15 -0.69 -1.15 9.78
CA SER A 15 -0.40 -1.22 11.24
C SER A 15 0.93 -1.92 11.48
N ALA A 16 1.16 -3.01 10.79
CA ALA A 16 2.45 -3.73 10.98
C ALA A 16 3.60 -2.73 10.97
N SER A 17 3.64 -1.86 10.00
CA SER A 17 4.74 -0.85 9.93
C SER A 17 6.07 -1.54 10.24
N LYS A 18 6.18 -2.79 9.92
CA LYS A 18 7.46 -3.52 10.18
C LYS A 18 8.63 -2.70 9.66
N GLU A 19 8.45 -2.01 8.57
CA GLU A 19 9.57 -1.18 8.01
C GLU A 19 9.13 0.28 7.93
N ARG A 20 9.70 1.12 8.75
CA ARG A 20 9.31 2.56 8.72
C ARG A 20 9.99 3.24 7.54
N LYS A 21 10.80 2.52 6.81
CA LYS A 21 11.48 3.15 5.63
C LYS A 21 11.16 2.35 4.37
N GLY A 22 9.94 1.94 4.22
CA GLY A 22 9.55 1.15 3.01
C GLY A 22 8.62 0.01 3.42
N LEU A 23 7.33 0.22 3.35
CA LEU A 23 6.38 -0.86 3.74
C LEU A 23 4.97 -0.54 3.24
N SER A 24 4.86 0.18 2.16
CA SER A 24 3.49 0.50 1.65
C SER A 24 3.28 -0.18 0.30
N LEU A 25 4.10 0.09 -0.67
CA LEU A 25 3.91 -0.56 -1.99
C LEU A 25 4.69 -1.87 -2.03
N ALA A 26 5.58 -2.06 -1.09
CA ALA A 26 6.37 -3.32 -1.06
C ALA A 26 5.81 -4.24 0.04
N ALA A 27 6.50 -4.36 1.14
CA ALA A 27 6.00 -5.24 2.24
C ALA A 27 4.49 -5.09 2.39
N LEU A 28 3.94 -3.97 2.01
CA LEU A 28 2.47 -3.79 2.14
C LEU A 28 1.77 -4.22 0.85
N LYS A 29 2.15 -3.69 -0.29
CA LYS A 29 1.45 -4.11 -1.54
C LYS A 29 2.06 -5.37 -2.12
N LYS A 30 2.66 -6.13 -1.27
CA LYS A 30 3.23 -7.42 -1.67
C LYS A 30 2.65 -8.46 -0.69
N ALA A 31 1.65 -8.03 0.06
CA ALA A 31 0.96 -8.90 1.03
C ALA A 31 -0.49 -9.06 0.55
N LEU A 32 -1.04 -8.01 -0.05
CA LEU A 32 -2.43 -8.08 -0.57
C LEU A 32 -2.70 -9.45 -1.16
N ALA A 33 -1.69 -10.13 -1.62
CA ALA A 33 -1.89 -11.48 -2.22
C ALA A 33 -2.21 -12.49 -1.12
N ALA A 34 -2.70 -12.05 0.01
CA ALA A 34 -3.02 -13.02 1.10
C ALA A 34 -4.50 -13.38 1.06
N GLY A 35 -5.12 -13.33 -0.09
CA GLY A 35 -6.56 -13.68 -0.18
C GLY A 35 -7.04 -13.63 -1.63
N GLY A 36 -6.30 -14.23 -2.53
CA GLY A 36 -6.70 -14.19 -3.96
C GLY A 36 -6.11 -12.94 -4.60
N TYR A 37 -4.83 -12.91 -4.77
CA TYR A 37 -4.17 -11.71 -5.36
C TYR A 37 -2.67 -11.96 -5.48
N ASP A 38 -1.95 -11.27 -6.34
CA ASP A 38 -0.51 -11.53 -6.44
C ASP A 38 0.22 -10.23 -6.79
N VAL A 39 -0.45 -9.09 -6.71
CA VAL A 39 0.25 -7.83 -7.06
C VAL A 39 0.92 -8.05 -8.41
N GLU A 40 0.39 -8.97 -9.16
CA GLU A 40 0.95 -9.27 -10.48
C GLU A 40 -0.19 -9.30 -11.47
N LYS A 41 -0.94 -10.36 -11.47
CA LYS A 41 -2.13 -10.44 -12.35
C LYS A 41 -3.27 -9.74 -11.61
N ASN A 42 -2.95 -9.10 -10.51
CA ASN A 42 -3.96 -8.40 -9.71
C ASN A 42 -3.34 -7.10 -9.23
N ASN A 43 -2.29 -6.67 -9.88
CA ASN A 43 -1.64 -5.41 -9.48
C ASN A 43 -2.62 -4.27 -9.77
N SER A 44 -3.68 -4.57 -10.48
CA SER A 44 -4.67 -3.52 -10.79
C SER A 44 -5.36 -3.09 -9.50
N ARG A 45 -5.33 -3.91 -8.47
CA ARG A 45 -5.97 -3.46 -7.20
C ARG A 45 -4.87 -3.11 -6.22
N ILE A 46 -3.65 -3.46 -6.53
CA ILE A 46 -2.54 -3.11 -5.62
C ILE A 46 -2.15 -1.65 -5.85
N LYS A 47 -1.91 -1.27 -7.08
CA LYS A 47 -1.53 0.14 -7.35
C LYS A 47 -2.80 0.99 -7.51
N LEU A 48 -3.92 0.41 -7.16
CA LEU A 48 -5.21 1.16 -7.23
C LEU A 48 -5.67 1.39 -5.81
N GLY A 49 -5.55 0.37 -5.00
CA GLY A 49 -5.93 0.50 -3.58
C GLY A 49 -4.73 1.11 -2.86
N LEU A 50 -3.57 0.96 -3.44
CA LEU A 50 -2.33 1.54 -2.83
C LEU A 50 -2.18 2.97 -3.33
N LYS A 51 -2.22 3.15 -4.62
CA LYS A 51 -2.12 4.53 -5.15
C LYS A 51 -3.17 5.35 -4.40
N SER A 52 -4.18 4.69 -3.91
CA SER A 52 -5.23 5.40 -3.16
C SER A 52 -5.01 5.26 -1.67
N LEU A 53 -4.32 4.24 -1.20
CA LEU A 53 -4.11 4.20 0.27
C LEU A 53 -3.06 5.23 0.63
N VAL A 54 -1.86 5.04 0.15
CA VAL A 54 -0.79 6.02 0.44
C VAL A 54 -1.25 7.42 -0.01
N SER A 55 -1.57 7.58 -1.26
CA SER A 55 -2.01 8.91 -1.78
C SER A 55 -3.20 9.46 -0.98
N LYS A 56 -4.23 8.68 -0.78
CA LYS A 56 -5.41 9.18 -0.02
C LYS A 56 -4.91 9.98 1.18
N GLY A 57 -3.86 9.53 1.80
CA GLY A 57 -3.32 10.27 2.97
C GLY A 57 -3.04 9.32 4.13
N THR A 58 -3.63 8.15 4.13
CA THR A 58 -3.36 7.21 5.25
C THR A 58 -1.87 6.99 5.32
N LEU A 59 -1.36 6.25 4.39
CA LEU A 59 0.10 5.97 4.34
C LEU A 59 0.80 7.11 3.59
N VAL A 60 1.17 8.15 4.27
CA VAL A 60 1.84 9.30 3.59
C VAL A 60 3.27 8.92 3.19
N GLN A 61 3.60 9.17 1.96
CA GLN A 61 4.96 8.88 1.44
C GLN A 61 5.60 10.17 0.90
N THR A 62 6.68 10.05 0.18
CA THR A 62 7.35 11.27 -0.38
C THR A 62 8.10 10.87 -1.66
N LYS A 63 7.46 10.16 -2.53
CA LYS A 63 8.14 9.73 -3.79
C LYS A 63 7.95 10.80 -4.88
N GLY A 64 8.57 11.93 -4.74
CA GLY A 64 8.43 13.00 -5.77
C GLY A 64 9.19 12.58 -7.03
N THR A 65 10.40 13.03 -7.18
CA THR A 65 11.20 12.64 -8.38
C THR A 65 12.57 12.12 -7.94
N GLY A 66 12.86 12.17 -6.67
CA GLY A 66 14.17 11.68 -6.18
C GLY A 66 14.25 10.16 -6.39
N ALA A 67 13.14 9.54 -6.67
CA ALA A 67 13.15 8.06 -6.87
C ALA A 67 13.26 7.35 -5.52
N SER A 68 12.52 7.78 -4.54
CA SER A 68 12.58 7.13 -3.21
C SER A 68 11.17 7.01 -2.61
N GLY A 69 10.74 8.01 -1.89
CA GLY A 69 9.39 7.94 -1.28
C GLY A 69 9.29 6.71 -0.38
N SER A 70 9.30 6.91 0.91
CA SER A 70 9.21 5.75 1.85
C SER A 70 8.02 5.95 2.79
N PHE A 71 6.83 5.77 2.29
CA PHE A 71 5.61 5.97 3.13
C PHE A 71 5.84 5.54 4.58
N ARG A 72 5.52 6.41 5.50
CA ARG A 72 5.66 6.07 6.94
C ARG A 72 4.24 5.87 7.48
N LEU A 73 3.38 6.83 7.22
CA LEU A 73 1.95 6.73 7.65
C LEU A 73 1.32 8.12 7.61
N SER A 74 0.27 8.33 8.35
CA SER A 74 -0.40 9.66 8.36
C SER A 74 0.58 10.73 8.86
N LYS A 75 1.22 10.48 9.97
CA LYS A 75 2.19 11.47 10.51
C LYS A 75 3.58 10.84 10.58
N MET A 1 -12.12 3.17 4.42
CA MET A 1 -13.27 2.45 5.05
C MET A 1 -14.20 1.93 3.95
N ALA A 2 -13.64 1.47 2.85
CA ALA A 2 -14.49 0.94 1.75
C ALA A 2 -14.98 -0.47 2.12
N GLY A 3 -14.24 -1.47 1.76
CA GLY A 3 -14.67 -2.86 2.09
C GLY A 3 -13.49 -3.62 2.72
N PRO A 4 -13.65 -4.92 2.78
CA PRO A 4 -12.56 -5.74 3.36
C PRO A 4 -11.56 -6.13 2.27
N SER A 5 -11.52 -5.38 1.20
CA SER A 5 -10.58 -5.70 0.10
C SER A 5 -9.74 -4.49 -0.25
N VAL A 6 -8.61 -4.71 -0.87
CA VAL A 6 -7.69 -3.62 -1.28
C VAL A 6 -8.13 -2.26 -0.71
N THR A 7 -7.46 -1.86 0.33
CA THR A 7 -7.76 -0.59 1.09
C THR A 7 -7.78 -1.04 2.54
N GLU A 8 -8.35 -2.20 2.74
CA GLU A 8 -8.38 -2.82 4.08
C GLU A 8 -7.27 -3.87 4.10
N LEU A 9 -6.74 -4.19 2.94
CA LEU A 9 -5.64 -5.19 2.83
C LEU A 9 -4.30 -4.46 2.86
N ILE A 10 -4.12 -3.50 2.00
CA ILE A 10 -2.84 -2.74 1.98
C ILE A 10 -2.68 -2.08 3.34
N THR A 11 -3.62 -1.27 3.70
CA THR A 11 -3.56 -0.61 5.03
C THR A 11 -3.53 -1.70 6.10
N LYS A 12 -3.99 -2.88 5.79
CA LYS A 12 -3.94 -3.97 6.80
C LYS A 12 -2.53 -4.00 7.37
N ALA A 13 -1.55 -3.88 6.51
CA ALA A 13 -0.14 -3.87 6.97
C ALA A 13 0.26 -2.43 7.29
N VAL A 14 -0.45 -1.48 6.74
CA VAL A 14 -0.13 -0.05 7.01
C VAL A 14 -1.14 0.53 7.99
N SER A 15 -1.72 -0.29 8.82
CA SER A 15 -2.72 0.22 9.81
C SER A 15 -2.14 0.06 11.22
N ALA A 16 -1.33 -0.94 11.43
CA ALA A 16 -0.74 -1.14 12.78
C ALA A 16 0.75 -0.78 12.74
N SER A 17 1.43 -1.14 11.69
CA SER A 17 2.89 -0.81 11.59
C SER A 17 3.53 -1.63 10.48
N LYS A 18 4.78 -1.38 10.19
CA LYS A 18 5.47 -2.16 9.12
C LYS A 18 6.84 -1.53 8.83
N GLU A 19 6.93 -0.23 8.93
CA GLU A 19 8.23 0.45 8.66
C GLU A 19 8.03 1.96 8.69
N ARG A 20 9.02 2.70 9.10
CA ARG A 20 8.89 4.18 9.16
C ARG A 20 9.03 4.77 7.75
N LYS A 21 9.27 3.94 6.77
CA LYS A 21 9.42 4.45 5.37
C LYS A 21 8.91 3.40 4.39
N GLY A 22 7.90 2.66 4.77
CA GLY A 22 7.37 1.61 3.86
C GLY A 22 8.55 0.84 3.26
N LEU A 23 8.32 0.02 2.28
CA LEU A 23 9.43 -0.76 1.68
C LEU A 23 9.62 -0.36 0.21
N SER A 24 8.74 -0.81 -0.63
CA SER A 24 8.85 -0.46 -2.08
C SER A 24 7.79 -1.25 -2.84
N LEU A 25 6.55 -1.02 -2.55
CA LEU A 25 5.46 -1.77 -3.24
C LEU A 25 5.84 -3.25 -3.32
N ALA A 26 6.66 -3.71 -2.41
CA ALA A 26 7.08 -5.15 -2.47
C ALA A 26 6.93 -5.79 -1.08
N ALA A 27 6.51 -5.03 -0.11
CA ALA A 27 6.33 -5.60 1.25
C ALA A 27 4.86 -5.44 1.64
N LEU A 28 4.44 -4.24 1.88
CA LEU A 28 3.01 -4.01 2.24
C LEU A 28 2.14 -4.53 1.11
N LYS A 29 2.54 -4.24 -0.08
CA LYS A 29 1.73 -4.58 -1.27
C LYS A 29 2.05 -5.98 -1.75
N LYS A 30 2.79 -6.72 -0.97
CA LYS A 30 3.08 -8.13 -1.31
C LYS A 30 2.46 -9.01 -0.22
N ALA A 31 1.79 -8.39 0.73
CA ALA A 31 1.10 -9.13 1.82
C ALA A 31 -0.35 -9.34 1.39
N LEU A 32 -0.72 -8.73 0.29
CA LEU A 32 -2.09 -8.87 -0.24
C LEU A 32 -2.07 -9.97 -1.28
N ALA A 33 -0.90 -10.33 -1.71
CA ALA A 33 -0.74 -11.40 -2.73
C ALA A 33 -0.80 -12.78 -2.07
N ALA A 34 -1.44 -12.90 -0.92
CA ALA A 34 -1.51 -14.23 -0.25
C ALA A 34 -2.96 -14.57 0.12
N GLY A 35 -3.87 -14.42 -0.79
CA GLY A 35 -5.30 -14.75 -0.48
C GLY A 35 -6.11 -14.71 -1.77
N GLY A 36 -5.62 -15.34 -2.82
CA GLY A 36 -6.33 -15.29 -4.11
C GLY A 36 -5.85 -14.04 -4.85
N TYR A 37 -4.88 -13.39 -4.27
CA TYR A 37 -4.32 -12.15 -4.84
C TYR A 37 -2.81 -12.38 -5.03
N ASP A 38 -2.21 -11.81 -6.04
CA ASP A 38 -0.75 -12.05 -6.20
C ASP A 38 -0.08 -10.76 -6.66
N VAL A 39 -0.76 -9.63 -6.63
CA VAL A 39 -0.12 -8.39 -7.12
C VAL A 39 0.44 -8.73 -8.49
N GLU A 40 -0.16 -9.72 -9.11
CA GLU A 40 0.23 -10.18 -10.45
C GLU A 40 -1.07 -10.37 -11.22
N LYS A 41 -1.75 -11.45 -10.96
CA LYS A 41 -3.07 -11.65 -11.62
C LYS A 41 -4.04 -10.69 -10.92
N ASN A 42 -3.58 -10.06 -9.85
CA ASN A 42 -4.40 -9.10 -9.10
C ASN A 42 -3.58 -7.82 -8.98
N ASN A 43 -2.53 -7.70 -9.76
CA ASN A 43 -1.68 -6.49 -9.71
C ASN A 43 -2.49 -5.32 -10.23
N SER A 44 -3.47 -5.61 -11.03
CA SER A 44 -4.30 -4.52 -11.59
C SER A 44 -5.24 -4.01 -10.51
N ARG A 45 -5.36 -4.70 -9.41
CA ARG A 45 -6.27 -4.17 -8.35
C ARG A 45 -5.44 -3.74 -7.15
N ILE A 46 -4.27 -4.28 -6.99
CA ILE A 46 -3.41 -3.87 -5.85
C ILE A 46 -2.63 -2.63 -6.27
N LYS A 47 -2.36 -2.48 -7.53
CA LYS A 47 -1.64 -1.27 -7.98
C LYS A 47 -2.62 -0.09 -7.93
N LEU A 48 -3.85 -0.38 -7.61
CA LEU A 48 -4.88 0.68 -7.51
C LEU A 48 -5.14 0.92 -6.02
N GLY A 49 -5.35 -0.15 -5.29
CA GLY A 49 -5.55 -0.01 -3.83
C GLY A 49 -4.20 0.34 -3.22
N LEU A 50 -3.15 0.18 -3.99
CA LEU A 50 -1.81 0.54 -3.49
C LEU A 50 -1.61 2.01 -3.78
N LYS A 51 -1.52 2.37 -5.03
CA LYS A 51 -1.40 3.80 -5.37
C LYS A 51 -2.52 4.54 -4.64
N SER A 52 -3.53 3.82 -4.22
CA SER A 52 -4.64 4.46 -3.49
C SER A 52 -4.25 4.58 -2.02
N LEU A 53 -3.66 3.58 -1.43
CA LEU A 53 -3.29 3.74 0.00
C LEU A 53 -2.20 4.81 0.09
N VAL A 54 -1.17 4.66 -0.69
CA VAL A 54 -0.03 5.60 -0.68
C VAL A 54 -0.37 6.95 -1.33
N SER A 55 -0.94 6.96 -2.49
CA SER A 55 -1.23 8.25 -3.18
C SER A 55 -2.49 8.94 -2.63
N LYS A 56 -3.44 8.21 -2.08
CA LYS A 56 -4.67 8.89 -1.56
C LYS A 56 -4.28 9.84 -0.44
N GLY A 57 -3.91 9.31 0.68
CA GLY A 57 -3.53 10.20 1.82
C GLY A 57 -3.25 9.35 3.07
N THR A 58 -3.94 8.26 3.25
CA THR A 58 -3.65 7.42 4.45
C THR A 58 -2.16 7.18 4.43
N LEU A 59 -1.72 6.34 3.55
CA LEU A 59 -0.28 6.11 3.39
C LEU A 59 0.27 7.28 2.57
N VAL A 60 1.06 8.14 3.16
CA VAL A 60 1.53 9.32 2.37
C VAL A 60 3.02 9.24 2.06
N GLN A 61 3.35 8.62 0.96
CA GLN A 61 4.78 8.55 0.54
C GLN A 61 5.20 9.94 0.07
N THR A 62 6.34 10.06 -0.55
CA THR A 62 6.77 11.40 -1.03
C THR A 62 7.75 11.24 -2.20
N LYS A 63 7.35 10.49 -3.20
CA LYS A 63 8.25 10.29 -4.38
C LYS A 63 8.45 11.63 -5.10
N GLY A 64 9.42 12.40 -4.68
CA GLY A 64 9.68 13.71 -5.34
C GLY A 64 11.16 14.07 -5.19
N THR A 65 11.49 14.85 -4.20
CA THR A 65 12.91 15.24 -3.99
C THR A 65 13.18 15.41 -2.50
N GLY A 66 14.35 15.87 -2.14
CA GLY A 66 14.67 16.06 -0.70
C GLY A 66 15.36 14.81 -0.16
N ALA A 67 15.16 13.69 -0.80
CA ALA A 67 15.80 12.44 -0.33
C ALA A 67 15.15 11.24 -1.02
N SER A 68 13.98 10.85 -0.60
CA SER A 68 13.31 9.68 -1.23
C SER A 68 12.06 9.31 -0.43
N GLY A 69 10.90 9.47 -1.00
CA GLY A 69 9.65 9.12 -0.27
C GLY A 69 9.43 7.61 -0.33
N SER A 70 8.31 7.15 0.14
CA SER A 70 8.05 5.68 0.10
C SER A 70 6.62 5.38 0.55
N PHE A 71 6.40 5.30 1.84
CA PHE A 71 5.05 5.01 2.40
C PHE A 71 5.07 5.25 3.90
N ARG A 72 5.22 6.46 4.32
CA ARG A 72 5.21 6.72 5.79
C ARG A 72 3.81 6.42 6.29
N LEU A 73 2.97 7.43 6.31
CA LEU A 73 1.56 7.21 6.72
C LEU A 73 0.89 8.55 6.99
N SER A 74 -0.40 8.52 7.18
CA SER A 74 -1.19 9.76 7.42
C SER A 74 -0.31 10.88 7.99
N LYS A 75 -0.03 10.84 9.26
CA LYS A 75 0.83 11.89 9.86
C LYS A 75 0.82 11.75 11.39
#